data_8V4G
#
_entry.id   8V4G
#
_cell.length_a   50.354
_cell.length_b   102.440
_cell.length_c   141.695
_cell.angle_alpha   90.00
_cell.angle_beta   90.00
_cell.angle_gamma   90.00
#
_symmetry.space_group_name_H-M   'P 21 21 21'
#
loop_
_entity.id
_entity.type
_entity.pdbx_description
1 polymer 'Putative nucleotide sugar dehydratase'
2 non-polymer 'NADP NICOTINAMIDE-ADENINE-DINUCLEOTIDE PHOSPHATE'
3 non-polymer "CYTIDINE-5'-DIPHOSPHATE"
4 non-polymer 'CHLORIDE ION'
5 non-polymer 1,2-ETHANEDIOL
6 water water
#
_entity_poly.entity_id   1
_entity_poly.type   'polypeptide(L)'
_entity_poly.pdbx_seq_one_letter_code
;GHMNEILKKRLKLLKNNFGTHINKIANKKILITGANGYIGSILTLILHGNAKLYCLVRNKDKMIDRFQEICGDIDKIDIY
EDLYKIQDKIDIVIHCAAPTQSDFFIENPIDTVDIIYTNTKNILDFSKKNNVEKIIFLSTMEIYGDVIGDNIVEDDIGKF
SVTNIRNSYPLAKQISEFMVHSYSKKYSLSTAIVRLTQAIGPTAQINDNRVYMDFIRSAIKKSQITLFTKGETKREYIDV
FDVATAIIFVMCEKKMFEIYNISNPNIFISIYDLAKTISAKLNVQVVFDLQRDTSQYLPSFSRRLNSKKIYQLGWTPLFD
LNQSLDDMIKYIKEVNE
;
_entity_poly.pdbx_strand_id   A,B
#
loop_
_chem_comp.id
_chem_comp.type
_chem_comp.name
_chem_comp.formula
CDP non-polymer CYTIDINE-5'-DIPHOSPHATE 'C9 H15 N3 O11 P2'
CL non-polymer 'CHLORIDE ION' 'Cl -1'
EDO non-polymer 1,2-ETHANEDIOL 'C2 H6 O2'
NAP non-polymer 'NADP NICOTINAMIDE-ADENINE-DINUCLEOTIDE PHOSPHATE' 'C21 H28 N7 O17 P3'
#
# COMPACT_ATOMS: atom_id res chain seq x y z
N ASN A 4 -32.22 -20.50 17.42
CA ASN A 4 -32.45 -19.50 18.50
C ASN A 4 -31.65 -19.86 19.75
N GLU A 5 -31.85 -21.08 20.28
CA GLU A 5 -31.26 -21.51 21.54
C GLU A 5 -29.73 -21.49 21.50
N ILE A 6 -29.13 -21.82 20.35
CA ILE A 6 -27.69 -21.86 20.24
C ILE A 6 -27.13 -20.45 20.49
N LEU A 7 -27.72 -19.49 19.80
CA LEU A 7 -27.33 -18.09 19.88
C LEU A 7 -27.60 -17.52 21.29
N LYS A 8 -28.78 -17.83 21.84
CA LYS A 8 -29.15 -17.43 23.19
C LYS A 8 -28.19 -17.96 24.25
N LYS A 9 -27.82 -19.24 24.17
CA LYS A 9 -26.86 -19.77 25.13
C LYS A 9 -25.55 -18.97 25.03
N ARG A 10 -25.17 -18.60 23.80
CA ARG A 10 -23.92 -17.90 23.59
C ARG A 10 -24.04 -16.47 24.14
N LEU A 11 -25.12 -15.77 23.84
CA LEU A 11 -25.31 -14.44 24.39
C LEU A 11 -25.25 -14.46 25.91
N LYS A 12 -25.68 -15.55 26.55
CA LYS A 12 -25.77 -15.61 28.00
C LYS A 12 -24.40 -15.90 28.58
N LEU A 13 -23.67 -16.81 27.95
CA LEU A 13 -22.32 -17.11 28.40
C LEU A 13 -21.46 -15.85 28.33
N LEU A 14 -21.54 -15.11 27.22
CA LEU A 14 -20.73 -13.91 27.07
C LEU A 14 -20.97 -12.95 28.24
N LYS A 15 -22.25 -12.66 28.46
CA LYS A 15 -22.66 -11.73 29.51
C LYS A 15 -22.18 -12.18 30.89
N ASN A 16 -22.27 -13.48 31.17
CA ASN A 16 -21.77 -14.00 32.44
C ASN A 16 -20.29 -13.69 32.58
N ASN A 17 -19.51 -14.01 31.56
CA ASN A 17 -18.06 -13.97 31.73
C ASN A 17 -17.51 -12.54 31.68
N PHE A 18 -18.20 -11.63 31.01
CA PHE A 18 -17.62 -10.38 30.53
C PHE A 18 -18.64 -9.26 30.53
N GLY A 19 -19.78 -9.46 31.21
CA GLY A 19 -20.85 -8.47 31.16
C GLY A 19 -20.45 -7.10 31.74
N THR A 20 -19.52 -7.10 32.70
CA THR A 20 -18.97 -5.87 33.23
C THR A 20 -18.27 -5.06 32.13
N HIS A 21 -17.62 -5.77 31.21
CA HIS A 21 -16.96 -5.20 30.04
C HIS A 21 -17.95 -4.72 28.98
N ILE A 22 -18.83 -5.60 28.52
CA ILE A 22 -19.87 -5.21 27.57
C ILE A 22 -20.59 -3.96 28.09
N ASN A 23 -20.43 -3.69 29.40
CA ASN A 23 -21.16 -2.63 30.06
C ASN A 23 -20.50 -1.27 29.90
N LYS A 24 -19.16 -1.23 29.86
CA LYS A 24 -18.41 0.00 29.64
C LYS A 24 -18.74 0.58 28.26
N ILE A 25 -19.93 0.22 27.74
CA ILE A 25 -20.32 0.30 26.34
C ILE A 25 -21.82 0.57 26.23
N ALA A 26 -22.53 0.31 27.34
CA ALA A 26 -23.85 0.87 27.56
C ALA A 26 -23.98 2.26 26.93
N ASN A 27 -24.87 2.37 25.95
CA ASN A 27 -25.30 3.64 25.39
C ASN A 27 -24.19 4.36 24.62
N LYS A 28 -23.03 3.72 24.38
CA LYS A 28 -22.17 4.25 23.34
C LYS A 28 -22.88 4.15 22.00
N LYS A 29 -22.64 5.14 21.12
CA LYS A 29 -23.16 5.06 19.76
C LYS A 29 -22.09 4.41 18.90
N ILE A 30 -22.44 3.25 18.30
CA ILE A 30 -21.44 2.40 17.69
C ILE A 30 -21.75 2.25 16.21
N LEU A 31 -20.81 2.62 15.34
CA LEU A 31 -20.97 2.37 13.90
C LEU A 31 -20.18 1.13 13.50
N ILE A 32 -20.86 0.19 12.82
CA ILE A 32 -20.26 -1.05 12.35
C ILE A 32 -20.37 -1.07 10.84
N THR A 33 -19.23 -1.03 10.15
CA THR A 33 -19.31 -1.13 8.70
C THR A 33 -19.20 -2.61 8.35
N GLY A 34 -19.78 -2.94 7.19
CA GLY A 34 -19.95 -4.29 6.71
C GLY A 34 -20.72 -5.15 7.73
N ALA A 35 -21.80 -4.59 8.27
CA ALA A 35 -22.49 -5.14 9.41
C ALA A 35 -23.30 -6.40 9.10
N ASN A 36 -23.64 -6.61 7.82
CA ASN A 36 -24.31 -7.80 7.36
C ASN A 36 -23.36 -8.97 7.18
N GLY A 37 -22.07 -8.72 7.36
CA GLY A 37 -21.07 -9.74 7.17
C GLY A 37 -21.03 -10.65 8.38
N TYR A 38 -20.22 -11.71 8.30
CA TYR A 38 -20.16 -12.72 9.35
C TYR A 38 -19.79 -12.11 10.70
N ILE A 39 -18.66 -11.43 10.80
CA ILE A 39 -18.21 -10.85 12.07
C ILE A 39 -19.05 -9.63 12.42
N GLY A 40 -19.36 -8.80 11.41
CA GLY A 40 -20.10 -7.59 11.66
C GLY A 40 -21.48 -7.84 12.25
N SER A 41 -22.12 -8.94 11.83
CA SER A 41 -23.48 -9.21 12.22
C SER A 41 -23.48 -9.77 13.63
N ILE A 42 -22.46 -10.57 13.99
CA ILE A 42 -22.35 -11.10 15.33
C ILE A 42 -22.02 -9.97 16.33
N LEU A 43 -21.21 -8.98 15.94
CA LEU A 43 -20.99 -7.83 16.80
C LEU A 43 -22.28 -7.05 17.01
N THR A 44 -22.99 -6.78 15.93
CA THR A 44 -24.27 -6.11 16.02
C THR A 44 -25.21 -6.85 16.98
N LEU A 45 -25.35 -8.17 16.80
CA LEU A 45 -26.23 -8.97 17.65
C LEU A 45 -25.90 -8.75 19.12
N ILE A 46 -24.62 -8.91 19.46
CA ILE A 46 -24.17 -8.85 20.85
C ILE A 46 -24.44 -7.46 21.43
N LEU A 47 -24.22 -6.38 20.67
CA LEU A 47 -24.12 -5.06 21.25
C LEU A 47 -25.43 -4.28 21.15
N HIS A 48 -26.33 -4.65 20.22
CA HIS A 48 -27.52 -3.85 20.02
C HIS A 48 -28.39 -3.92 21.27
N GLY A 49 -29.22 -2.91 21.50
CA GLY A 49 -29.95 -2.82 22.77
C GLY A 49 -29.13 -2.17 23.88
N ASN A 50 -28.06 -2.87 24.36
CA ASN A 50 -27.10 -2.35 25.35
C ASN A 50 -26.35 -1.10 24.87
N ALA A 51 -26.38 -0.85 23.56
CA ALA A 51 -25.81 0.36 22.97
C ALA A 51 -26.64 0.71 21.75
N LYS A 52 -26.32 1.85 21.09
CA LYS A 52 -27.10 2.31 19.96
C LYS A 52 -26.30 2.09 18.67
N LEU A 53 -26.86 1.24 17.80
CA LEU A 53 -26.09 0.57 16.78
C LEU A 53 -26.44 1.15 15.43
N TYR A 54 -25.42 1.64 14.74
CA TYR A 54 -25.52 2.12 13.36
C TYR A 54 -24.81 1.11 12.47
N CYS A 55 -25.47 0.69 11.38
CA CYS A 55 -24.97 -0.38 10.53
C CYS A 55 -24.85 0.14 9.11
N LEU A 56 -23.60 0.32 8.66
CA LEU A 56 -23.34 0.65 7.26
C LEU A 56 -23.13 -0.61 6.44
N VAL A 57 -23.95 -0.74 5.38
CA VAL A 57 -23.97 -1.89 4.49
C VAL A 57 -24.27 -1.41 3.09
N ARG A 58 -23.99 -2.22 2.08
CA ARG A 58 -24.33 -1.87 0.71
C ARG A 58 -25.83 -2.04 0.47
N ASN A 59 -26.47 -2.99 1.15
CA ASN A 59 -27.87 -3.25 0.91
C ASN A 59 -28.61 -3.39 2.23
N LYS A 60 -29.55 -2.46 2.43
CA LYS A 60 -30.32 -2.44 3.67
C LYS A 60 -31.09 -3.75 3.85
N ASP A 61 -31.70 -4.30 2.80
CA ASP A 61 -32.64 -5.41 2.96
C ASP A 61 -31.89 -6.68 3.33
N LYS A 62 -30.72 -6.83 2.69
CA LYS A 62 -29.80 -7.88 3.01
C LYS A 62 -29.41 -7.80 4.49
N MET A 63 -29.28 -6.58 5.02
CA MET A 63 -28.99 -6.42 6.44
C MET A 63 -30.19 -6.89 7.27
N ILE A 64 -31.41 -6.46 6.94
CA ILE A 64 -32.57 -6.87 7.72
C ILE A 64 -32.69 -8.39 7.75
N ASP A 65 -32.48 -9.02 6.59
CA ASP A 65 -32.70 -10.45 6.44
C ASP A 65 -31.70 -11.22 7.30
N ARG A 66 -30.43 -10.83 7.23
CA ARG A 66 -29.39 -11.50 8.00
C ARG A 66 -29.69 -11.28 9.48
N PHE A 67 -30.04 -10.04 9.86
CA PHE A 67 -30.20 -9.73 11.27
C PHE A 67 -31.43 -10.46 11.81
N GLN A 68 -32.51 -10.57 11.03
CA GLN A 68 -33.68 -11.27 11.56
C GLN A 68 -33.39 -12.77 11.69
N GLU A 69 -32.67 -13.31 10.72
CA GLU A 69 -32.27 -14.70 10.75
C GLU A 69 -31.52 -15.05 12.03
N ILE A 70 -30.57 -14.21 12.43
CA ILE A 70 -29.80 -14.49 13.65
C ILE A 70 -30.50 -13.90 14.88
N CYS A 71 -31.80 -13.60 14.78
CA CYS A 71 -32.66 -13.37 15.94
C CYS A 71 -32.41 -11.98 16.53
N GLY A 72 -32.16 -10.97 15.68
CA GLY A 72 -31.87 -9.62 16.14
C GLY A 72 -33.04 -8.67 15.94
N ASP A 73 -33.15 -7.66 16.80
CA ASP A 73 -34.28 -6.76 16.76
C ASP A 73 -33.92 -5.58 15.86
N ILE A 74 -34.51 -5.53 14.65
CA ILE A 74 -34.15 -4.53 13.67
C ILE A 74 -34.59 -3.13 14.10
N ASP A 75 -35.60 -3.04 14.97
CA ASP A 75 -36.08 -1.75 15.47
C ASP A 75 -35.06 -1.10 16.40
N LYS A 76 -34.04 -1.85 16.86
CA LYS A 76 -32.94 -1.27 17.63
C LYS A 76 -31.61 -1.30 16.89
N ILE A 77 -31.66 -1.14 15.57
CA ILE A 77 -30.46 -0.79 14.80
C ILE A 77 -30.88 0.21 13.74
N ASP A 78 -29.98 1.15 13.46
CA ASP A 78 -30.22 2.10 12.40
C ASP A 78 -29.34 1.73 11.22
N ILE A 79 -29.98 1.32 10.13
CA ILE A 79 -29.26 0.76 9.00
C ILE A 79 -29.10 1.86 7.98
N TYR A 80 -27.84 2.11 7.57
CA TYR A 80 -27.57 3.05 6.50
C TYR A 80 -26.80 2.39 5.38
N GLU A 81 -26.98 2.98 4.20
CA GLU A 81 -26.29 2.59 2.98
C GLU A 81 -25.32 3.70 2.58
N ASP A 82 -25.40 4.86 3.21
CA ASP A 82 -24.60 5.98 2.73
C ASP A 82 -24.06 6.67 3.98
N LEU A 83 -22.73 6.53 4.15
CA LEU A 83 -21.95 7.12 5.25
C LEU A 83 -22.33 8.59 5.43
N TYR A 84 -22.64 9.30 4.34
CA TYR A 84 -22.77 10.74 4.42
C TYR A 84 -24.17 11.11 4.92
N LYS A 85 -25.07 10.12 5.07
CA LYS A 85 -26.39 10.37 5.64
C LYS A 85 -26.41 10.19 7.16
N ILE A 86 -25.31 9.72 7.75
CA ILE A 86 -25.30 9.49 9.19
C ILE A 86 -25.06 10.85 9.80
N GLN A 87 -26.06 11.38 10.52
CA GLN A 87 -26.01 12.76 10.97
C GLN A 87 -25.71 12.81 12.46
N ASP A 88 -26.22 11.83 13.23
CA ASP A 88 -26.01 11.69 14.66
C ASP A 88 -24.51 11.49 14.99
N LYS A 89 -24.13 11.66 16.27
CA LYS A 89 -22.74 11.57 16.75
C LYS A 89 -22.39 10.10 16.89
N ILE A 90 -21.12 9.75 16.70
CA ILE A 90 -20.72 8.36 16.74
C ILE A 90 -19.57 8.29 17.70
N ASP A 91 -19.61 7.33 18.63
CA ASP A 91 -18.53 7.22 19.62
C ASP A 91 -17.44 6.27 19.11
N ILE A 92 -17.85 5.11 18.59
CA ILE A 92 -16.90 4.07 18.23
C ILE A 92 -17.28 3.49 16.87
N VAL A 93 -16.25 3.26 16.07
CA VAL A 93 -16.42 2.69 14.73
C VAL A 93 -15.71 1.34 14.68
N ILE A 94 -16.40 0.34 14.17
CA ILE A 94 -15.75 -0.94 13.87
C ILE A 94 -15.81 -1.14 12.36
N HIS A 95 -14.65 -1.10 11.70
CA HIS A 95 -14.66 -1.18 10.25
C HIS A 95 -14.46 -2.64 9.85
N CYS A 96 -15.53 -3.31 9.40
CA CYS A 96 -15.54 -4.72 8.98
C CYS A 96 -15.70 -4.86 7.48
N ALA A 97 -16.01 -3.78 6.78
CA ALA A 97 -16.39 -3.88 5.37
C ALA A 97 -15.18 -4.24 4.52
N ALA A 98 -15.27 -5.30 3.69
CA ALA A 98 -14.25 -5.62 2.70
C ALA A 98 -14.74 -6.74 1.77
N PRO A 99 -14.17 -6.90 0.54
CA PRO A 99 -14.33 -8.16 -0.21
C PRO A 99 -13.43 -9.21 0.42
N THR A 100 -13.98 -10.40 0.67
CA THR A 100 -13.28 -11.45 1.39
C THR A 100 -13.16 -12.75 0.58
N GLN A 101 -13.62 -12.76 -0.68
CA GLN A 101 -13.53 -13.95 -1.53
C GLN A 101 -12.15 -14.00 -2.19
N SER A 102 -11.36 -15.06 -1.90
CA SER A 102 -10.06 -15.31 -2.51
C SER A 102 -10.11 -15.20 -4.05
N ASP A 103 -11.19 -15.72 -4.63
CA ASP A 103 -11.36 -15.70 -6.07
C ASP A 103 -11.27 -14.25 -6.55
N PHE A 104 -11.88 -13.32 -5.80
CA PHE A 104 -11.98 -11.91 -6.17
C PHE A 104 -10.59 -11.27 -6.19
N PHE A 105 -9.72 -11.74 -5.29
CA PHE A 105 -8.38 -11.23 -5.08
C PHE A 105 -7.52 -11.49 -6.30
N ILE A 106 -7.72 -12.66 -6.93
CA ILE A 106 -6.95 -13.01 -8.12
C ILE A 106 -7.69 -12.63 -9.39
N GLU A 107 -9.02 -12.69 -9.42
CA GLU A 107 -9.77 -12.27 -10.60
C GLU A 107 -9.79 -10.76 -10.78
N ASN A 108 -9.86 -10.01 -9.66
N ASN A 108 -9.91 -10.00 -9.67
CA ASN A 108 -10.11 -8.58 -9.68
CA ASN A 108 -10.05 -8.55 -9.75
C ASN A 108 -9.13 -7.90 -8.71
C ASN A 108 -9.12 -7.90 -8.73
N PRO A 109 -7.80 -8.10 -8.88
CA PRO A 109 -6.82 -7.57 -7.93
C PRO A 109 -6.83 -6.04 -7.96
N ILE A 110 -7.10 -5.43 -9.12
CA ILE A 110 -7.25 -3.98 -9.16
C ILE A 110 -8.35 -3.47 -8.21
N ASP A 111 -9.53 -4.07 -8.27
CA ASP A 111 -10.65 -3.58 -7.51
C ASP A 111 -10.53 -4.00 -6.05
N THR A 112 -9.87 -5.12 -5.80
CA THR A 112 -9.57 -5.52 -4.45
C THR A 112 -8.84 -4.37 -3.75
N VAL A 113 -7.80 -3.86 -4.40
CA VAL A 113 -7.01 -2.78 -3.83
C VAL A 113 -7.89 -1.53 -3.73
N ASP A 114 -8.54 -1.18 -4.82
CA ASP A 114 -9.25 0.10 -4.89
C ASP A 114 -10.37 0.16 -3.86
N ILE A 115 -11.08 -0.95 -3.66
CA ILE A 115 -12.20 -1.00 -2.75
C ILE A 115 -11.71 -0.84 -1.30
N ILE A 116 -10.69 -1.61 -0.97
CA ILE A 116 -10.21 -1.63 0.40
C ILE A 116 -9.53 -0.31 0.74
N TYR A 117 -8.64 0.16 -0.14
CA TYR A 117 -8.03 1.46 0.02
C TYR A 117 -9.11 2.55 0.15
N THR A 118 -10.09 2.58 -0.76
CA THR A 118 -11.07 3.67 -0.75
C THR A 118 -11.90 3.67 0.54
N ASN A 119 -12.30 2.47 1.00
CA ASN A 119 -13.16 2.40 2.16
C ASN A 119 -12.40 2.78 3.44
N THR A 120 -11.15 2.32 3.52
CA THR A 120 -10.35 2.68 4.67
C THR A 120 -10.21 4.20 4.73
N LYS A 121 -9.82 4.81 3.61
CA LYS A 121 -9.72 6.26 3.52
C LYS A 121 -11.01 6.93 3.94
N ASN A 122 -12.17 6.51 3.41
CA ASN A 122 -13.44 7.17 3.68
C ASN A 122 -13.81 7.06 5.16
N ILE A 123 -13.50 5.92 5.79
CA ILE A 123 -13.93 5.72 7.16
C ILE A 123 -12.98 6.45 8.12
N LEU A 124 -11.69 6.56 7.76
CA LEU A 124 -10.79 7.34 8.59
C LEU A 124 -11.14 8.82 8.48
N ASP A 125 -11.37 9.32 7.27
CA ASP A 125 -11.86 10.69 7.11
C ASP A 125 -13.10 10.87 7.97
N PHE A 126 -14.09 9.96 7.88
CA PHE A 126 -15.32 10.16 8.61
C PHE A 126 -15.00 10.22 10.11
N SER A 127 -14.14 9.32 10.57
CA SER A 127 -13.80 9.20 11.98
C SER A 127 -13.14 10.47 12.52
N LYS A 128 -12.26 11.06 11.70
CA LYS A 128 -11.49 12.18 12.17
C LYS A 128 -12.47 13.35 12.30
N LYS A 129 -13.27 13.56 11.27
CA LYS A 129 -14.17 14.70 11.18
C LYS A 129 -15.18 14.66 12.32
N ASN A 130 -15.64 13.45 12.64
CA ASN A 130 -16.71 13.23 13.60
C ASN A 130 -16.17 13.14 15.02
N ASN A 131 -14.85 13.28 15.19
CA ASN A 131 -14.25 13.18 16.51
C ASN A 131 -14.72 11.92 17.23
N VAL A 132 -14.77 10.81 16.51
CA VAL A 132 -14.98 9.49 17.06
C VAL A 132 -14.00 9.19 18.20
N GLU A 133 -14.46 8.54 19.28
CA GLU A 133 -13.57 8.15 20.39
C GLU A 133 -12.55 7.09 19.96
N LYS A 134 -12.92 6.16 19.08
CA LYS A 134 -11.98 5.13 18.68
C LYS A 134 -12.48 4.43 17.42
N ILE A 135 -11.54 3.98 16.58
CA ILE A 135 -11.87 3.18 15.42
C ILE A 135 -11.09 1.88 15.53
N ILE A 136 -11.78 0.78 15.31
CA ILE A 136 -11.14 -0.52 15.20
C ILE A 136 -11.17 -0.98 13.75
N PHE A 137 -10.01 -1.38 13.26
CA PHE A 137 -9.84 -1.77 11.87
C PHE A 137 -9.55 -3.25 11.84
N LEU A 138 -10.39 -3.99 11.11
CA LEU A 138 -10.19 -5.42 11.01
C LEU A 138 -9.22 -5.71 9.88
N SER A 139 -8.17 -6.43 10.24
CA SER A 139 -7.07 -6.79 9.37
C SER A 139 -6.93 -8.32 9.38
N THR A 140 -5.77 -8.78 8.89
CA THR A 140 -5.59 -10.18 8.54
C THR A 140 -4.21 -10.71 8.89
N MET A 141 -4.15 -12.01 9.23
CA MET A 141 -2.87 -12.67 9.37
C MET A 141 -2.15 -12.69 8.03
N GLU A 142 -2.83 -12.45 6.90
CA GLU A 142 -2.09 -12.42 5.63
C GLU A 142 -1.04 -11.29 5.58
N ILE A 143 -1.19 -10.29 6.44
CA ILE A 143 -0.20 -9.23 6.61
C ILE A 143 1.19 -9.76 6.99
N TYR A 144 1.30 -10.98 7.57
CA TYR A 144 2.60 -11.51 7.95
C TYR A 144 3.29 -12.22 6.78
N GLY A 145 2.62 -12.30 5.63
CA GLY A 145 3.21 -12.79 4.40
C GLY A 145 4.04 -14.07 4.53
N ASP A 146 5.35 -13.95 4.20
CA ASP A 146 6.32 -15.03 4.22
C ASP A 146 6.59 -15.57 5.62
N VAL A 147 6.35 -14.77 6.69
CA VAL A 147 6.95 -15.02 7.99
C VAL A 147 6.54 -16.42 8.46
N ILE A 148 7.53 -17.14 8.98
CA ILE A 148 7.30 -18.49 9.49
C ILE A 148 7.60 -18.46 10.98
N GLY A 149 7.00 -19.35 11.73
CA GLY A 149 7.24 -19.49 13.17
C GLY A 149 5.96 -19.84 13.90
N ASP A 150 6.11 -20.35 15.12
N ASP A 150 6.08 -20.38 15.11
CA ASP A 150 5.01 -20.80 15.95
CA ASP A 150 4.93 -20.79 15.92
C ASP A 150 4.59 -19.69 16.90
C ASP A 150 4.54 -19.66 16.88
N ASN A 151 5.20 -18.51 16.76
CA ASN A 151 5.00 -17.43 17.70
C ASN A 151 5.16 -16.05 17.06
N ILE A 152 4.27 -15.72 16.14
CA ILE A 152 4.45 -14.47 15.42
C ILE A 152 3.79 -13.33 16.19
N VAL A 153 4.54 -12.26 16.40
CA VAL A 153 4.12 -11.12 17.21
C VAL A 153 3.75 -9.95 16.28
N GLU A 154 3.07 -8.95 16.83
CA GLU A 154 2.51 -7.87 16.05
C GLU A 154 3.61 -7.05 15.36
N ASP A 155 4.84 -7.07 15.91
CA ASP A 155 5.99 -6.36 15.36
C ASP A 155 6.65 -7.12 14.20
N ASP A 156 6.25 -8.37 13.95
CA ASP A 156 6.70 -9.10 12.74
C ASP A 156 5.92 -8.55 11.54
N ILE A 157 6.46 -8.75 10.34
CA ILE A 157 6.17 -7.93 9.16
C ILE A 157 6.39 -8.83 7.94
N GLY A 158 5.37 -9.08 7.11
CA GLY A 158 5.61 -9.78 5.84
C GLY A 158 6.26 -8.88 4.78
N LYS A 159 6.91 -9.49 3.78
CA LYS A 159 7.37 -8.90 2.52
C LYS A 159 6.38 -9.31 1.43
N PHE A 160 6.21 -8.49 0.37
CA PHE A 160 5.24 -8.76 -0.69
C PHE A 160 5.81 -8.43 -2.07
N SER A 161 5.86 -9.44 -2.96
CA SER A 161 6.11 -9.22 -4.38
C SER A 161 5.00 -8.37 -4.99
N VAL A 162 5.36 -7.37 -5.80
CA VAL A 162 4.41 -6.55 -6.53
C VAL A 162 3.92 -7.30 -7.78
N THR A 163 4.57 -8.42 -8.17
CA THR A 163 4.12 -9.09 -9.38
C THR A 163 3.29 -10.32 -9.11
N ASN A 164 2.95 -10.58 -7.84
CA ASN A 164 2.02 -11.65 -7.48
C ASN A 164 0.64 -11.08 -7.22
N ILE A 165 -0.30 -11.25 -8.14
CA ILE A 165 -1.60 -10.61 -8.05
C ILE A 165 -2.40 -11.06 -6.82
N ARG A 166 -2.14 -12.25 -6.28
CA ARG A 166 -2.82 -12.68 -5.06
C ARG A 166 -2.43 -11.78 -3.87
N ASN A 167 -1.37 -10.97 -3.97
CA ASN A 167 -1.04 -10.06 -2.88
C ASN A 167 -1.97 -8.86 -2.85
N SER A 168 -2.93 -8.76 -3.77
CA SER A 168 -3.89 -7.67 -3.74
C SER A 168 -4.43 -7.45 -2.33
N TYR A 169 -4.97 -8.49 -1.69
CA TYR A 169 -5.61 -8.34 -0.39
C TYR A 169 -4.62 -7.98 0.71
N PRO A 170 -3.50 -8.69 0.95
CA PRO A 170 -2.57 -8.29 2.00
C PRO A 170 -1.96 -6.90 1.78
N LEU A 171 -1.66 -6.51 0.54
CA LEU A 171 -1.08 -5.21 0.23
C LEU A 171 -2.13 -4.11 0.48
N ALA A 172 -3.40 -4.37 0.17
CA ALA A 172 -4.45 -3.43 0.52
C ALA A 172 -4.63 -3.29 2.03
N LYS A 173 -4.55 -4.39 2.81
CA LYS A 173 -4.69 -4.32 4.25
C LYS A 173 -3.46 -3.63 4.85
N GLN A 174 -2.25 -3.91 4.32
CA GLN A 174 -1.06 -3.27 4.79
C GLN A 174 -1.14 -1.74 4.62
N ILE A 175 -1.55 -1.26 3.47
CA ILE A 175 -1.60 0.19 3.27
C ILE A 175 -2.67 0.80 4.17
N SER A 176 -3.81 0.10 4.30
CA SER A 176 -4.84 0.44 5.28
C SER A 176 -4.30 0.56 6.70
N GLU A 177 -3.56 -0.46 7.17
CA GLU A 177 -2.99 -0.43 8.50
C GLU A 177 -2.10 0.81 8.64
N PHE A 178 -1.31 1.10 7.62
CA PHE A 178 -0.42 2.25 7.63
C PHE A 178 -1.22 3.53 7.77
N MET A 179 -2.37 3.62 7.09
CA MET A 179 -3.20 4.82 7.16
C MET A 179 -3.76 4.93 8.57
N VAL A 180 -4.19 3.80 9.13
CA VAL A 180 -4.79 3.81 10.45
C VAL A 180 -3.78 4.34 11.46
N HIS A 181 -2.53 3.83 11.42
CA HIS A 181 -1.52 4.27 12.37
C HIS A 181 -1.22 5.76 12.17
N SER A 182 -1.25 6.17 10.93
CA SER A 182 -0.97 7.53 10.51
C SER A 182 -2.00 8.50 11.08
N TYR A 183 -3.30 8.14 11.01
CA TYR A 183 -4.35 9.01 11.52
C TYR A 183 -4.16 9.15 13.04
N SER A 184 -3.77 8.04 13.68
CA SER A 184 -3.51 8.05 15.10
C SER A 184 -2.31 8.92 15.48
N LYS A 185 -1.21 8.85 14.74
CA LYS A 185 -0.07 9.67 15.10
C LYS A 185 -0.33 11.13 14.74
N LYS A 186 -0.96 11.41 13.60
CA LYS A 186 -1.03 12.78 13.14
C LYS A 186 -2.11 13.53 13.92
N TYR A 187 -3.27 12.91 14.13
CA TYR A 187 -4.46 13.64 14.57
C TYR A 187 -4.90 13.26 15.99
N SER A 188 -4.13 12.45 16.68
CA SER A 188 -4.61 11.91 17.96
C SER A 188 -6.05 11.43 17.86
N LEU A 189 -6.28 10.60 16.86
CA LEU A 189 -7.45 9.72 16.80
C LEU A 189 -7.08 8.35 17.36
N SER A 190 -7.80 7.87 18.38
CA SER A 190 -7.51 6.57 18.97
C SER A 190 -7.85 5.50 17.95
N THR A 191 -6.88 4.64 17.63
CA THR A 191 -7.13 3.56 16.70
C THR A 191 -6.57 2.24 17.24
N ALA A 192 -7.23 1.13 16.90
CA ALA A 192 -6.63 -0.19 17.06
C ALA A 192 -6.80 -1.01 15.77
N ILE A 193 -5.77 -1.80 15.48
CA ILE A 193 -5.81 -2.81 14.44
C ILE A 193 -5.91 -4.20 15.09
N VAL A 194 -6.85 -5.01 14.55
CA VAL A 194 -6.96 -6.42 14.94
C VAL A 194 -6.68 -7.28 13.71
N ARG A 195 -5.69 -8.16 13.84
CA ARG A 195 -5.32 -9.12 12.81
C ARG A 195 -5.86 -10.50 13.16
N LEU A 196 -6.92 -10.89 12.45
CA LEU A 196 -7.68 -12.11 12.67
C LEU A 196 -7.06 -13.29 11.91
N THR A 197 -7.17 -14.45 12.54
CA THR A 197 -6.86 -15.71 11.91
C THR A 197 -8.01 -16.07 10.97
N GLN A 198 -8.94 -16.90 11.44
CA GLN A 198 -10.03 -17.37 10.61
C GLN A 198 -11.17 -17.82 11.52
N ALA A 199 -12.28 -17.14 11.35
CA ALA A 199 -13.47 -17.25 12.17
C ALA A 199 -14.25 -18.48 11.72
N ILE A 200 -14.89 -19.12 12.70
CA ILE A 200 -15.69 -20.31 12.48
C ILE A 200 -16.82 -20.27 13.51
N GLY A 201 -17.85 -21.09 13.32
CA GLY A 201 -18.89 -21.26 14.32
C GLY A 201 -20.26 -20.89 13.76
N PRO A 202 -21.30 -20.90 14.60
CA PRO A 202 -22.67 -20.76 14.12
C PRO A 202 -22.98 -19.43 13.43
N THR A 203 -23.93 -19.52 12.50
CA THR A 203 -24.32 -18.45 11.58
C THR A 203 -23.47 -18.44 10.32
N ALA A 204 -22.41 -19.27 10.22
CA ALA A 204 -21.80 -19.48 8.92
C ALA A 204 -22.82 -20.19 8.04
N GLN A 205 -22.77 -19.91 6.72
CA GLN A 205 -23.66 -20.53 5.76
C GLN A 205 -22.97 -21.62 4.93
N ILE A 206 -23.81 -22.51 4.38
CA ILE A 206 -23.40 -23.75 3.74
C ILE A 206 -22.55 -23.45 2.51
N ASN A 207 -22.78 -22.29 1.88
CA ASN A 207 -22.12 -21.89 0.64
C ASN A 207 -20.81 -21.14 0.89
N ASP A 208 -20.44 -20.85 2.16
CA ASP A 208 -19.25 -20.06 2.45
C ASP A 208 -18.03 -20.76 1.87
N ASN A 209 -17.17 -20.00 1.20
CA ASN A 209 -16.00 -20.54 0.55
C ASN A 209 -14.87 -20.60 1.58
N ARG A 210 -14.96 -21.57 2.49
N ARG A 210 -15.01 -21.55 2.51
CA ARG A 210 -13.88 -21.81 3.42
CA ARG A 210 -14.00 -21.85 3.52
C ARG A 210 -13.75 -23.32 3.56
C ARG A 210 -13.74 -23.35 3.47
N VAL A 211 -12.52 -23.77 3.82
CA VAL A 211 -12.20 -25.18 3.75
C VAL A 211 -13.18 -25.95 4.63
N TYR A 212 -13.45 -25.44 5.84
CA TYR A 212 -14.24 -26.18 6.80
C TYR A 212 -15.63 -26.32 6.23
N MET A 213 -16.12 -25.31 5.50
CA MET A 213 -17.49 -25.43 5.03
C MET A 213 -17.50 -26.32 3.78
N ASP A 214 -16.41 -26.31 3.00
CA ASP A 214 -16.31 -27.22 1.86
C ASP A 214 -16.43 -28.65 2.39
N PHE A 215 -15.80 -28.92 3.55
CA PHE A 215 -15.86 -30.26 4.10
C PHE A 215 -17.26 -30.65 4.55
N ILE A 216 -17.94 -29.70 5.21
CA ILE A 216 -19.31 -29.87 5.68
C ILE A 216 -20.23 -30.11 4.50
N ARG A 217 -20.10 -29.29 3.44
CA ARG A 217 -20.97 -29.42 2.28
C ARG A 217 -20.75 -30.77 1.60
N SER A 218 -19.48 -31.14 1.47
CA SER A 218 -19.16 -32.35 0.77
C SER A 218 -19.66 -33.56 1.57
N ALA A 219 -19.60 -33.54 2.92
CA ALA A 219 -20.14 -34.64 3.73
C ALA A 219 -21.67 -34.78 3.56
N ILE A 220 -22.38 -33.65 3.50
CA ILE A 220 -23.82 -33.70 3.34
C ILE A 220 -24.21 -34.13 1.93
N LYS A 221 -23.58 -33.55 0.90
CA LYS A 221 -24.03 -33.71 -0.47
CA LYS A 221 -24.03 -33.71 -0.47
C LYS A 221 -23.44 -34.97 -1.11
N LYS A 222 -22.20 -35.34 -0.75
CA LYS A 222 -21.55 -36.46 -1.43
C LYS A 222 -21.28 -37.63 -0.50
N SER A 223 -21.65 -37.50 0.80
CA SER A 223 -21.50 -38.52 1.83
C SER A 223 -20.07 -38.98 1.97
N GLN A 224 -19.15 -38.02 1.78
CA GLN A 224 -17.73 -38.34 1.68
C GLN A 224 -16.93 -37.03 1.65
N ILE A 225 -15.80 -37.00 2.38
CA ILE A 225 -14.87 -35.90 2.20
C ILE A 225 -13.59 -36.41 1.54
N THR A 226 -13.22 -35.79 0.41
CA THR A 226 -12.01 -36.12 -0.30
C THR A 226 -10.93 -35.07 -0.05
N LEU A 227 -9.76 -35.51 0.44
CA LEU A 227 -8.55 -34.71 0.54
C LEU A 227 -7.70 -34.88 -0.71
N PHE A 228 -7.24 -33.76 -1.30
CA PHE A 228 -6.43 -33.81 -2.51
C PHE A 228 -4.94 -33.66 -2.18
N THR A 229 -4.62 -33.57 -0.88
CA THR A 229 -3.27 -33.66 -0.34
C THR A 229 -3.35 -34.48 0.92
N LYS A 230 -2.23 -34.64 1.60
CA LYS A 230 -2.20 -35.41 2.83
C LYS A 230 -2.76 -34.61 4.00
N GLY A 231 -2.93 -33.29 3.84
CA GLY A 231 -3.66 -32.49 4.81
C GLY A 231 -2.86 -32.29 6.09
N GLU A 232 -1.56 -32.14 5.96
CA GLU A 232 -0.70 -31.97 7.13
C GLU A 232 -0.55 -30.48 7.46
N THR A 233 -0.91 -29.58 6.54
CA THR A 233 -0.90 -28.16 6.86
C THR A 233 -1.74 -27.94 8.12
N LYS A 234 -1.27 -27.11 9.05
CA LYS A 234 -2.00 -26.76 10.26
C LYS A 234 -2.56 -25.32 10.10
N ARG A 235 -3.75 -25.06 10.66
CA ARG A 235 -4.42 -23.76 10.55
C ARG A 235 -5.01 -23.42 11.91
N GLU A 236 -4.98 -22.14 12.29
CA GLU A 236 -5.62 -21.68 13.52
C GLU A 236 -7.04 -21.30 13.18
N TYR A 237 -7.99 -21.55 14.10
CA TYR A 237 -9.36 -21.08 13.96
C TYR A 237 -9.76 -20.44 15.29
N ILE A 238 -10.83 -19.63 15.24
CA ILE A 238 -11.42 -19.03 16.42
C ILE A 238 -12.93 -18.84 16.20
N ASP A 239 -13.72 -19.09 17.24
CA ASP A 239 -15.15 -19.00 17.11
C ASP A 239 -15.52 -17.54 16.87
N VAL A 240 -16.54 -17.32 16.05
CA VAL A 240 -16.86 -15.96 15.64
C VAL A 240 -17.29 -15.11 16.84
N PHE A 241 -17.92 -15.75 17.85
CA PHE A 241 -18.30 -15.07 19.07
C PHE A 241 -17.09 -14.69 19.89
N ASP A 242 -16.02 -15.50 19.84
CA ASP A 242 -14.80 -15.15 20.54
C ASP A 242 -14.03 -14.05 19.81
N VAL A 243 -14.25 -13.91 18.48
CA VAL A 243 -13.67 -12.79 17.77
C VAL A 243 -14.42 -11.54 18.25
N ALA A 244 -15.74 -11.64 18.35
CA ALA A 244 -16.55 -10.49 18.67
C ALA A 244 -16.17 -9.99 20.06
N THR A 245 -15.98 -10.92 21.01
CA THR A 245 -15.71 -10.51 22.36
C THR A 245 -14.33 -9.86 22.43
N ALA A 246 -13.37 -10.39 21.65
CA ALA A 246 -12.04 -9.80 21.64
C ALA A 246 -12.06 -8.35 21.14
N ILE A 247 -12.84 -8.08 20.12
CA ILE A 247 -12.97 -6.75 19.55
C ILE A 247 -13.59 -5.85 20.60
N ILE A 248 -14.62 -6.37 21.26
CA ILE A 248 -15.24 -5.64 22.35
C ILE A 248 -14.20 -5.29 23.42
N PHE A 249 -13.38 -6.22 23.88
CA PHE A 249 -12.33 -5.85 24.83
C PHE A 249 -11.44 -4.73 24.28
N VAL A 250 -10.96 -4.88 23.05
CA VAL A 250 -10.15 -3.81 22.46
C VAL A 250 -10.91 -2.48 22.49
N MET A 251 -12.20 -2.47 22.15
CA MET A 251 -13.00 -1.25 22.12
C MET A 251 -12.92 -0.55 23.47
N CYS A 252 -12.86 -1.35 24.55
CA CYS A 252 -12.93 -0.83 25.90
C CYS A 252 -11.59 -0.25 26.38
N GLU A 253 -10.48 -0.60 25.71
N GLU A 253 -10.45 -0.62 25.76
CA GLU A 253 -9.17 -0.14 26.14
CA GLU A 253 -9.16 -0.14 26.23
C GLU A 253 -8.94 1.30 25.68
C GLU A 253 -8.88 1.26 25.70
N LYS A 254 -8.67 2.21 26.62
CA LYS A 254 -8.32 3.58 26.28
C LYS A 254 -6.84 3.59 26.00
N LYS A 255 -6.50 3.70 24.71
CA LYS A 255 -5.13 3.64 24.25
C LYS A 255 -5.14 4.27 22.86
N MET A 256 -4.08 5.05 22.58
CA MET A 256 -4.03 5.86 21.38
C MET A 256 -3.93 4.93 20.17
N PHE A 257 -3.02 3.97 20.22
CA PHE A 257 -2.73 3.13 19.10
C PHE A 257 -2.33 1.75 19.60
N GLU A 258 -2.89 0.68 19.02
CA GLU A 258 -2.42 -0.64 19.38
C GLU A 258 -2.72 -1.63 18.26
N ILE A 259 -1.90 -2.69 18.13
CA ILE A 259 -2.13 -3.80 17.24
C ILE A 259 -2.29 -5.08 18.06
N TYR A 260 -3.35 -5.85 17.77
CA TYR A 260 -3.57 -7.14 18.41
C TYR A 260 -3.77 -8.29 17.41
N ASN A 261 -2.98 -9.37 17.56
CA ASN A 261 -3.32 -10.66 16.97
C ASN A 261 -4.57 -11.20 17.67
N ILE A 262 -5.62 -11.60 16.91
CA ILE A 262 -6.77 -12.25 17.50
C ILE A 262 -6.92 -13.67 16.97
N SER A 263 -6.58 -14.60 17.86
CA SER A 263 -6.74 -16.02 17.58
C SER A 263 -6.99 -16.79 18.86
N ASN A 264 -7.45 -18.03 18.72
CA ASN A 264 -7.60 -18.91 19.86
C ASN A 264 -6.36 -19.79 19.86
N PRO A 265 -5.40 -19.56 20.78
CA PRO A 265 -4.13 -20.29 20.74
C PRO A 265 -4.27 -21.75 21.14
N ASN A 266 -5.49 -22.20 21.49
CA ASN A 266 -5.73 -23.60 21.75
C ASN A 266 -6.12 -24.34 20.48
N ILE A 267 -6.34 -23.62 19.37
CA ILE A 267 -6.81 -24.25 18.15
C ILE A 267 -5.75 -24.10 17.07
N PHE A 268 -5.03 -25.18 16.83
CA PHE A 268 -4.07 -25.29 15.75
C PHE A 268 -4.20 -26.70 15.20
N ILE A 269 -4.94 -26.84 14.10
CA ILE A 269 -5.35 -28.16 13.66
C ILE A 269 -4.91 -28.39 12.21
N SER A 270 -4.45 -29.60 11.93
CA SER A 270 -4.18 -30.04 10.58
C SER A 270 -5.49 -30.12 9.80
N ILE A 271 -5.41 -29.91 8.50
CA ILE A 271 -6.52 -30.11 7.57
C ILE A 271 -7.11 -31.53 7.68
N TYR A 272 -6.26 -32.55 7.71
CA TYR A 272 -6.73 -33.91 7.96
C TYR A 272 -7.56 -34.02 9.24
N ASP A 273 -7.02 -33.54 10.37
CA ASP A 273 -7.71 -33.64 11.65
C ASP A 273 -9.04 -32.91 11.59
N LEU A 274 -9.06 -31.79 10.88
CA LEU A 274 -10.28 -31.03 10.76
C LEU A 274 -11.30 -31.86 9.97
N ALA A 275 -10.85 -32.39 8.82
CA ALA A 275 -11.66 -33.28 8.00
C ALA A 275 -12.16 -34.50 8.82
N LYS A 276 -11.31 -35.05 9.67
CA LYS A 276 -11.69 -36.22 10.44
C LYS A 276 -12.87 -35.87 11.37
N THR A 277 -12.76 -34.76 12.14
CA THR A 277 -13.73 -34.50 13.19
C THR A 277 -15.06 -34.14 12.51
N ILE A 278 -14.99 -33.41 11.42
CA ILE A 278 -16.18 -33.04 10.66
C ILE A 278 -16.85 -34.29 10.11
N SER A 279 -16.09 -35.16 9.48
CA SER A 279 -16.64 -36.42 8.96
C SER A 279 -17.31 -37.24 10.06
N ALA A 280 -16.63 -37.44 11.19
CA ALA A 280 -17.23 -38.19 12.28
C ALA A 280 -18.52 -37.49 12.71
N LYS A 281 -18.53 -36.16 12.72
CA LYS A 281 -19.74 -35.48 13.15
C LYS A 281 -20.89 -35.72 12.18
N LEU A 282 -20.61 -35.90 10.89
CA LEU A 282 -21.66 -36.06 9.88
C LEU A 282 -21.76 -37.51 9.36
N ASN A 283 -21.14 -38.45 10.07
CA ASN A 283 -21.30 -39.86 9.78
C ASN A 283 -20.76 -40.24 8.40
N VAL A 284 -19.65 -39.66 8.00
CA VAL A 284 -19.02 -40.09 6.76
C VAL A 284 -17.54 -40.29 7.00
N GLN A 285 -16.82 -40.56 5.91
CA GLN A 285 -15.39 -40.86 5.96
C GLN A 285 -14.60 -39.87 5.13
N VAL A 286 -13.34 -39.72 5.54
CA VAL A 286 -12.36 -38.95 4.80
C VAL A 286 -11.65 -39.95 3.89
N VAL A 287 -11.53 -39.59 2.62
CA VAL A 287 -10.74 -40.40 1.71
C VAL A 287 -9.75 -39.48 1.01
N PHE A 288 -8.74 -40.10 0.41
CA PHE A 288 -7.65 -39.36 -0.20
C PHE A 288 -7.61 -39.67 -1.69
N ASP A 289 -7.29 -38.62 -2.46
CA ASP A 289 -7.05 -38.70 -3.89
C ASP A 289 -5.85 -37.79 -4.18
N LEU A 290 -4.63 -38.31 -4.17
CA LEU A 290 -3.45 -37.46 -4.23
C LEU A 290 -3.02 -37.20 -5.68
N SER A 302 4.27 -23.79 7.73
CA SER A 302 3.06 -23.27 8.41
C SER A 302 3.43 -22.14 9.39
N ARG A 303 2.53 -21.84 10.34
CA ARG A 303 2.60 -20.55 11.00
C ARG A 303 1.53 -20.36 12.08
N ARG A 304 1.93 -19.84 13.25
CA ARG A 304 0.97 -19.64 14.32
C ARG A 304 1.20 -18.29 14.99
N LEU A 305 0.11 -17.55 15.24
CA LEU A 305 0.24 -16.25 15.88
C LEU A 305 0.28 -16.40 17.39
N ASN A 306 1.03 -15.48 17.99
CA ASN A 306 1.01 -15.28 19.42
C ASN A 306 -0.18 -14.38 19.73
N SER A 307 -1.07 -14.80 20.63
CA SER A 307 -2.26 -14.03 20.94
C SER A 307 -2.26 -13.66 22.41
N LYS A 308 -1.05 -13.55 22.97
CA LYS A 308 -0.92 -13.21 24.39
C LYS A 308 -1.44 -11.80 24.70
N LYS A 309 -1.17 -10.84 23.81
CA LYS A 309 -1.48 -9.44 24.11
C LYS A 309 -2.95 -9.27 24.45
N ILE A 310 -3.82 -9.90 23.67
CA ILE A 310 -5.25 -9.72 23.89
C ILE A 310 -5.58 -10.29 25.27
N TYR A 311 -4.86 -11.33 25.72
CA TYR A 311 -5.18 -11.93 27.01
C TYR A 311 -5.01 -10.92 28.16
N GLN A 312 -4.15 -9.91 27.98
CA GLN A 312 -3.87 -8.93 29.02
C GLN A 312 -5.05 -7.98 29.27
N LEU A 313 -5.99 -7.89 28.34
CA LEU A 313 -7.21 -7.12 28.60
C LEU A 313 -8.18 -7.88 29.50
N GLY A 314 -7.90 -9.15 29.78
CA GLY A 314 -8.88 -9.96 30.49
C GLY A 314 -9.77 -10.80 29.56
N TRP A 315 -9.51 -10.78 28.24
CA TRP A 315 -10.21 -11.66 27.32
C TRP A 315 -9.73 -13.11 27.46
N THR A 316 -10.69 -14.02 27.30
CA THR A 316 -10.40 -15.41 27.02
C THR A 316 -11.41 -15.90 25.98
N PRO A 317 -11.02 -16.87 25.13
CA PRO A 317 -12.01 -17.53 24.26
C PRO A 317 -12.85 -18.55 25.03
N LEU A 318 -14.15 -18.63 24.76
CA LEU A 318 -15.03 -19.54 25.48
C LEU A 318 -15.36 -20.79 24.66
N PHE A 319 -15.26 -20.71 23.32
CA PHE A 319 -15.70 -21.81 22.48
C PHE A 319 -14.52 -22.58 21.89
N ASP A 320 -14.43 -23.85 22.28
CA ASP A 320 -13.41 -24.72 21.70
C ASP A 320 -13.86 -25.21 20.32
N LEU A 321 -12.94 -25.85 19.58
CA LEU A 321 -13.22 -26.21 18.20
C LEU A 321 -14.46 -27.10 18.13
N ASN A 322 -14.57 -28.07 19.05
CA ASN A 322 -15.66 -29.03 19.04
C ASN A 322 -17.05 -28.39 19.19
N GLN A 323 -17.20 -27.45 20.14
N GLN A 323 -17.16 -27.44 20.12
CA GLN A 323 -18.44 -26.72 20.26
CA GLN A 323 -18.38 -26.68 20.31
C GLN A 323 -18.68 -25.88 19.00
C GLN A 323 -18.68 -25.82 19.08
N SER A 324 -17.63 -25.15 18.55
CA SER A 324 -17.80 -24.33 17.37
CA SER A 324 -17.78 -24.34 17.36
C SER A 324 -18.32 -25.17 16.20
N LEU A 325 -17.77 -26.38 16.00
CA LEU A 325 -18.23 -27.19 14.87
C LEU A 325 -19.66 -27.68 15.08
N ASP A 326 -19.94 -28.23 16.27
CA ASP A 326 -21.29 -28.73 16.55
C ASP A 326 -22.32 -27.62 16.34
N ASP A 327 -22.10 -26.47 16.97
CA ASP A 327 -23.04 -25.37 16.85
C ASP A 327 -23.18 -24.94 15.39
N MET A 328 -22.08 -24.91 14.64
CA MET A 328 -22.13 -24.39 13.27
C MET A 328 -22.94 -25.32 12.34
N ILE A 329 -22.64 -26.61 12.45
CA ILE A 329 -23.38 -27.67 11.78
C ILE A 329 -24.84 -27.69 12.23
N LYS A 330 -25.09 -27.75 13.53
CA LYS A 330 -26.49 -27.83 13.95
C LYS A 330 -27.25 -26.60 13.46
N TYR A 331 -26.60 -25.43 13.57
CA TYR A 331 -27.20 -24.20 13.12
C TYR A 331 -27.60 -24.28 11.64
N ILE A 332 -26.71 -24.78 10.77
CA ILE A 332 -27.04 -24.88 9.35
C ILE A 332 -28.23 -25.81 9.12
N LYS A 333 -28.22 -26.97 9.79
CA LYS A 333 -29.29 -27.95 9.67
C LYS A 333 -30.65 -27.40 10.05
N GLU A 334 -30.68 -26.43 10.98
CA GLU A 334 -31.93 -25.77 11.38
C GLU A 334 -31.96 -24.34 10.82
N HIS B 2 26.43 30.79 -20.32
CA HIS B 2 25.66 30.72 -19.05
C HIS B 2 24.96 29.36 -19.02
N MET B 3 23.75 29.30 -18.43
CA MET B 3 22.93 28.10 -18.41
C MET B 3 22.91 27.43 -19.79
N ASN B 4 22.66 28.21 -20.86
CA ASN B 4 22.29 27.66 -22.16
C ASN B 4 23.47 26.90 -22.78
N GLU B 5 24.69 27.34 -22.52
CA GLU B 5 25.88 26.65 -23.00
C GLU B 5 25.93 25.24 -22.41
N ILE B 6 25.62 25.14 -21.11
CA ILE B 6 25.62 23.87 -20.39
C ILE B 6 24.63 22.92 -21.08
N LEU B 7 23.38 23.40 -21.17
CA LEU B 7 22.28 22.62 -21.71
C LEU B 7 22.51 22.19 -23.16
N LYS B 8 22.98 23.12 -24.00
CA LYS B 8 23.26 22.81 -25.40
C LYS B 8 24.33 21.74 -25.51
N LYS B 9 25.39 21.87 -24.75
CA LYS B 9 26.45 20.86 -24.79
C LYS B 9 25.88 19.50 -24.41
N ARG B 10 25.06 19.47 -23.34
CA ARG B 10 24.46 18.23 -22.87
C ARG B 10 23.59 17.60 -23.96
N LEU B 11 22.72 18.38 -24.59
CA LEU B 11 21.82 17.83 -25.59
C LEU B 11 22.61 17.29 -26.79
N LYS B 12 23.64 18.04 -27.23
CA LYS B 12 24.47 17.58 -28.35
C LYS B 12 25.12 16.23 -28.02
N LEU B 13 25.71 16.07 -26.84
CA LEU B 13 26.27 14.79 -26.43
C LEU B 13 25.26 13.66 -26.48
N LEU B 14 24.02 13.95 -26.06
CA LEU B 14 22.98 12.93 -26.10
C LEU B 14 22.78 12.48 -27.52
N LYS B 15 22.58 13.46 -28.40
CA LYS B 15 22.36 13.18 -29.83
C LYS B 15 23.52 12.38 -30.42
N ASN B 16 24.75 12.77 -30.12
CA ASN B 16 25.91 12.08 -30.66
C ASN B 16 25.94 10.64 -30.20
N ASN B 17 25.58 10.36 -28.93
CA ASN B 17 25.74 9.03 -28.42
C ASN B 17 24.52 8.18 -28.73
N PHE B 18 23.34 8.78 -28.74
CA PHE B 18 22.12 7.97 -28.67
C PHE B 18 21.08 8.39 -29.70
N GLY B 19 21.39 9.34 -30.57
CA GLY B 19 20.45 9.79 -31.59
C GLY B 19 19.74 8.62 -32.30
N THR B 20 20.42 7.48 -32.46
CA THR B 20 19.79 6.27 -32.96
C THR B 20 18.53 5.94 -32.16
N HIS B 21 18.66 5.78 -30.83
CA HIS B 21 17.52 5.39 -30.01
C HIS B 21 16.49 6.50 -29.89
N ILE B 22 16.95 7.74 -29.71
CA ILE B 22 16.05 8.87 -29.66
C ILE B 22 15.19 8.88 -30.94
N ASN B 23 15.77 8.45 -32.07
CA ASN B 23 15.06 8.46 -33.35
C ASN B 23 13.91 7.44 -33.40
N LYS B 24 13.99 6.32 -32.66
CA LYS B 24 12.95 5.29 -32.71
C LYS B 24 11.60 5.79 -32.22
N ILE B 25 11.51 7.11 -31.96
CA ILE B 25 10.44 7.71 -31.20
C ILE B 25 9.96 9.00 -31.87
N ALA B 26 10.63 9.45 -32.94
CA ALA B 26 10.20 10.68 -33.59
C ALA B 26 8.73 10.51 -33.99
N ASN B 27 7.94 11.56 -33.80
CA ASN B 27 6.54 11.58 -34.23
C ASN B 27 5.65 10.67 -33.39
N LYS B 28 6.20 9.98 -32.37
CA LYS B 28 5.31 9.36 -31.40
C LYS B 28 4.65 10.46 -30.59
N LYS B 29 3.45 10.15 -30.10
CA LYS B 29 2.76 11.06 -29.22
C LYS B 29 3.04 10.64 -27.77
N ILE B 30 3.67 11.55 -27.03
CA ILE B 30 4.24 11.24 -25.73
C ILE B 30 3.60 12.14 -24.70
N LEU B 31 2.97 11.54 -23.71
CA LEU B 31 2.40 12.29 -22.60
C LEU B 31 3.30 12.10 -21.37
N ILE B 32 3.71 13.24 -20.82
CA ILE B 32 4.51 13.30 -19.62
C ILE B 32 3.72 13.98 -18.52
N THR B 33 3.44 13.22 -17.45
CA THR B 33 2.81 13.78 -16.28
C THR B 33 3.88 14.28 -15.35
N GLY B 34 3.52 15.26 -14.51
CA GLY B 34 4.45 15.99 -13.65
C GLY B 34 5.58 16.62 -14.44
N ALA B 35 5.22 17.18 -15.60
CA ALA B 35 6.17 17.63 -16.60
C ALA B 35 6.95 18.87 -16.19
N ASN B 36 6.50 19.54 -15.13
CA ASN B 36 7.16 20.77 -14.72
C ASN B 36 8.24 20.41 -13.72
N GLY B 37 8.27 19.15 -13.24
CA GLY B 37 9.28 18.73 -12.28
C GLY B 37 10.65 18.51 -12.90
N TYR B 38 11.63 18.18 -12.07
CA TYR B 38 13.02 18.01 -12.47
C TYR B 38 13.16 17.04 -13.66
N ILE B 39 12.75 15.77 -13.50
CA ILE B 39 12.92 14.72 -14.50
C ILE B 39 11.94 14.92 -15.66
N GLY B 40 10.68 15.16 -15.34
CA GLY B 40 9.70 15.35 -16.40
C GLY B 40 10.10 16.46 -17.35
N SER B 41 10.58 17.57 -16.82
CA SER B 41 10.89 18.71 -17.68
C SER B 41 12.15 18.44 -18.52
N ILE B 42 13.12 17.69 -17.95
CA ILE B 42 14.29 17.36 -18.72
C ILE B 42 13.97 16.36 -19.85
N LEU B 43 13.09 15.39 -19.58
CA LEU B 43 12.59 14.50 -20.61
C LEU B 43 11.96 15.30 -21.74
N THR B 44 11.12 16.27 -21.35
CA THR B 44 10.41 17.10 -22.31
C THR B 44 11.41 17.87 -23.18
N LEU B 45 12.48 18.34 -22.53
CA LEU B 45 13.48 19.18 -23.17
C LEU B 45 14.14 18.37 -24.26
N ILE B 46 14.58 17.15 -23.89
CA ILE B 46 15.28 16.27 -24.79
C ILE B 46 14.37 15.89 -25.94
N LEU B 47 13.08 15.71 -25.69
CA LEU B 47 12.22 15.03 -26.65
C LEU B 47 11.39 15.98 -27.51
N HIS B 48 11.13 17.23 -27.08
CA HIS B 48 10.25 18.07 -27.87
C HIS B 48 10.97 18.34 -29.19
N GLY B 49 10.26 18.63 -30.27
CA GLY B 49 10.97 18.86 -31.51
C GLY B 49 11.14 17.56 -32.29
N ASN B 50 11.76 16.55 -31.67
CA ASN B 50 11.79 15.21 -32.25
C ASN B 50 10.38 14.67 -32.40
N ALA B 51 9.64 14.77 -31.29
CA ALA B 51 8.39 14.04 -31.13
C ALA B 51 7.31 15.01 -30.68
N LYS B 52 6.06 14.53 -30.64
CA LYS B 52 4.93 15.34 -30.24
C LYS B 52 4.72 15.20 -28.74
N LEU B 53 4.95 16.27 -27.99
CA LEU B 53 5.01 16.21 -26.54
C LEU B 53 3.70 16.76 -25.96
N TYR B 54 3.13 16.00 -25.04
CA TYR B 54 1.96 16.37 -24.26
C TYR B 54 2.39 16.36 -22.81
N CYS B 55 2.19 17.50 -22.14
CA CYS B 55 2.64 17.71 -20.78
C CYS B 55 1.46 18.04 -19.88
N LEU B 56 1.16 17.09 -18.97
CA LEU B 56 0.17 17.27 -17.94
C LEU B 56 0.81 17.83 -16.67
N VAL B 57 0.28 18.97 -16.22
CA VAL B 57 0.79 19.67 -15.06
C VAL B 57 -0.40 20.20 -14.24
N ARG B 58 -0.09 20.67 -13.04
CA ARG B 58 -1.11 21.29 -12.19
C ARG B 58 -1.33 22.75 -12.58
N ASN B 59 -0.32 23.39 -13.20
CA ASN B 59 -0.31 24.82 -13.48
C ASN B 59 0.51 25.16 -14.73
N LYS B 60 -0.21 25.44 -15.83
CA LYS B 60 0.38 25.72 -17.13
C LYS B 60 1.44 26.82 -17.10
N ASP B 61 1.20 27.93 -16.41
CA ASP B 61 2.19 29.01 -16.41
C ASP B 61 3.48 28.58 -15.71
N LYS B 62 3.34 27.80 -14.64
CA LYS B 62 4.50 27.28 -13.95
C LYS B 62 5.34 26.43 -14.92
N MET B 63 4.66 25.70 -15.79
CA MET B 63 5.30 24.86 -16.77
C MET B 63 5.90 25.72 -17.88
N ILE B 64 5.19 26.78 -18.26
CA ILE B 64 5.76 27.71 -19.23
C ILE B 64 7.08 28.26 -18.70
N ASP B 65 7.04 28.83 -17.48
CA ASP B 65 8.21 29.44 -16.86
C ASP B 65 9.34 28.43 -16.69
N ARG B 66 9.03 27.19 -16.25
CA ARG B 66 10.05 26.16 -16.09
C ARG B 66 10.71 25.84 -17.43
N PHE B 67 9.90 25.72 -18.48
CA PHE B 67 10.41 25.26 -19.77
C PHE B 67 11.32 26.30 -20.41
N GLN B 68 11.03 27.59 -20.15
CA GLN B 68 11.83 28.69 -20.68
C GLN B 68 13.12 28.85 -19.87
N GLU B 69 13.07 28.60 -18.56
CA GLU B 69 14.25 28.62 -17.69
C GLU B 69 15.31 27.66 -18.21
N ILE B 70 14.85 26.55 -18.84
CA ILE B 70 15.71 25.45 -19.25
C ILE B 70 15.87 25.49 -20.76
N CYS B 71 15.48 26.61 -21.40
CA CYS B 71 15.82 26.90 -22.79
C CYS B 71 15.01 26.02 -23.74
N GLY B 72 13.86 25.56 -23.29
CA GLY B 72 12.96 24.83 -24.16
C GLY B 72 12.14 25.78 -25.03
N ASP B 73 11.70 25.24 -26.17
CA ASP B 73 10.74 25.88 -27.06
C ASP B 73 9.28 25.54 -26.72
N ILE B 74 8.60 26.49 -26.07
CA ILE B 74 7.21 26.34 -25.66
C ILE B 74 6.26 26.07 -26.84
N ASP B 75 6.59 26.46 -28.05
CA ASP B 75 5.60 26.30 -29.11
C ASP B 75 5.55 24.85 -29.62
N LYS B 76 6.41 23.97 -29.10
CA LYS B 76 6.55 22.62 -29.65
C LYS B 76 6.00 21.55 -28.69
N ILE B 77 5.40 22.00 -27.60
CA ILE B 77 4.74 21.14 -26.63
C ILE B 77 3.32 21.70 -26.41
N ASP B 78 2.37 20.79 -26.12
CA ASP B 78 1.03 21.16 -25.70
C ASP B 78 0.82 20.83 -24.21
N ILE B 79 0.61 21.87 -23.40
CA ILE B 79 0.50 21.77 -21.96
C ILE B 79 -0.99 21.64 -21.60
N TYR B 80 -1.34 20.67 -20.77
CA TYR B 80 -2.70 20.47 -20.32
C TYR B 80 -2.69 20.46 -18.80
N GLU B 81 -3.77 20.97 -18.20
CA GLU B 81 -4.00 20.82 -16.77
C GLU B 81 -5.07 19.77 -16.47
N ASP B 82 -5.70 19.24 -17.52
CA ASP B 82 -6.84 18.35 -17.42
C ASP B 82 -6.61 17.15 -18.32
N LEU B 83 -6.44 16.03 -17.65
CA LEU B 83 -6.21 14.76 -18.30
C LEU B 83 -7.28 14.51 -19.35
N TYR B 84 -8.54 14.75 -18.96
CA TYR B 84 -9.73 14.48 -19.75
C TYR B 84 -9.84 15.35 -20.99
N LYS B 85 -9.05 16.43 -21.07
CA LYS B 85 -9.10 17.34 -22.20
C LYS B 85 -8.10 16.90 -23.27
N ILE B 86 -7.38 15.80 -23.04
CA ILE B 86 -6.49 15.30 -24.07
C ILE B 86 -7.27 14.38 -24.98
N GLN B 87 -7.33 14.72 -26.27
CA GLN B 87 -8.08 13.96 -27.25
C GLN B 87 -7.24 13.00 -28.10
N ASP B 88 -6.05 13.46 -28.51
CA ASP B 88 -5.26 12.72 -29.50
C ASP B 88 -4.86 11.38 -28.92
N LYS B 89 -4.68 10.39 -29.80
CA LYS B 89 -4.29 9.07 -29.35
C LYS B 89 -2.86 9.22 -28.85
N ILE B 90 -2.66 9.07 -27.53
CA ILE B 90 -1.33 9.04 -26.94
C ILE B 90 -0.74 7.66 -27.17
N ASP B 91 0.51 7.63 -27.64
CA ASP B 91 1.28 6.41 -27.78
C ASP B 91 1.98 6.00 -26.48
N ILE B 92 2.76 6.90 -25.87
CA ILE B 92 3.56 6.58 -24.70
C ILE B 92 3.23 7.59 -23.61
N VAL B 93 2.96 7.09 -22.40
CA VAL B 93 2.81 7.89 -21.22
C VAL B 93 4.02 7.65 -20.31
N ILE B 94 4.61 8.73 -19.80
CA ILE B 94 5.64 8.65 -18.75
C ILE B 94 5.09 9.33 -17.50
N HIS B 95 4.83 8.53 -16.45
CA HIS B 95 4.20 9.05 -15.24
C HIS B 95 5.22 9.55 -14.23
N CYS B 96 5.35 10.88 -14.10
CA CYS B 96 6.38 11.52 -13.30
C CYS B 96 5.82 12.29 -12.11
N ALA B 97 4.50 12.45 -12.03
CA ALA B 97 3.89 13.27 -10.99
C ALA B 97 3.90 12.53 -9.66
N ALA B 98 4.46 13.19 -8.66
CA ALA B 98 4.44 12.72 -7.29
C ALA B 98 4.96 13.81 -6.36
N PRO B 99 4.54 13.82 -5.08
CA PRO B 99 5.29 14.52 -4.05
C PRO B 99 6.61 13.85 -3.79
N THR B 100 7.67 14.68 -3.63
CA THR B 100 9.01 14.14 -3.50
C THR B 100 9.79 14.68 -2.29
N GLN B 101 9.19 15.54 -1.45
CA GLN B 101 9.96 16.15 -0.37
C GLN B 101 9.76 15.38 0.91
N SER B 102 10.88 14.97 1.55
CA SER B 102 10.92 14.26 2.82
C SER B 102 9.95 14.84 3.83
N ASP B 103 9.93 16.16 3.96
CA ASP B 103 9.13 16.81 5.00
C ASP B 103 7.66 16.46 4.81
N PHE B 104 7.22 16.49 3.55
CA PHE B 104 5.84 16.22 3.19
C PHE B 104 5.49 14.76 3.49
N PHE B 105 6.44 13.85 3.34
CA PHE B 105 6.19 12.46 3.61
C PHE B 105 5.84 12.31 5.08
N ILE B 106 6.46 13.12 5.95
CA ILE B 106 6.28 12.84 7.37
C ILE B 106 5.25 13.80 7.97
N GLU B 107 5.12 15.03 7.47
CA GLU B 107 4.04 15.90 7.93
C GLU B 107 2.69 15.49 7.32
N ASN B 108 2.71 14.95 6.08
CA ASN B 108 1.49 14.58 5.39
C ASN B 108 1.53 13.15 4.90
N PRO B 109 1.69 12.12 5.76
CA PRO B 109 1.81 10.75 5.30
C PRO B 109 0.52 10.32 4.58
N ILE B 110 -0.63 10.76 5.06
CA ILE B 110 -1.90 10.33 4.51
CA ILE B 110 -1.90 10.32 4.52
C ILE B 110 -2.08 10.85 3.09
N ASP B 111 -1.81 12.15 2.89
CA ASP B 111 -1.90 12.80 1.59
C ASP B 111 -0.81 12.26 0.67
N THR B 112 0.37 11.92 1.22
CA THR B 112 1.39 11.29 0.40
C THR B 112 0.81 10.03 -0.27
N VAL B 113 0.21 9.13 0.51
CA VAL B 113 -0.29 7.88 -0.01
C VAL B 113 -1.42 8.17 -0.99
N ASP B 114 -2.34 9.04 -0.60
CA ASP B 114 -3.53 9.27 -1.39
C ASP B 114 -3.18 9.90 -2.73
N ILE B 115 -2.25 10.86 -2.75
CA ILE B 115 -1.91 11.53 -4.00
C ILE B 115 -1.26 10.52 -4.97
N ILE B 116 -0.31 9.74 -4.45
CA ILE B 116 0.41 8.83 -5.30
C ILE B 116 -0.52 7.72 -5.80
N TYR B 117 -1.31 7.13 -4.88
CA TYR B 117 -2.23 6.08 -5.26
C TYR B 117 -3.25 6.54 -6.31
N THR B 118 -3.93 7.65 -6.06
CA THR B 118 -4.97 8.17 -6.94
C THR B 118 -4.41 8.55 -8.30
N ASN B 119 -3.25 9.25 -8.32
CA ASN B 119 -2.67 9.60 -9.59
C ASN B 119 -2.26 8.40 -10.43
N THR B 120 -1.66 7.38 -9.77
CA THR B 120 -1.35 6.13 -10.44
C THR B 120 -2.61 5.47 -11.04
N LYS B 121 -3.65 5.30 -10.23
CA LYS B 121 -4.93 4.75 -10.64
CA LYS B 121 -4.93 4.74 -10.64
C LYS B 121 -5.48 5.51 -11.83
N ASN B 122 -5.47 6.85 -11.75
CA ASN B 122 -6.04 7.65 -12.83
C ASN B 122 -5.26 7.45 -14.11
N ILE B 123 -3.93 7.45 -14.04
CA ILE B 123 -3.17 7.46 -15.27
C ILE B 123 -3.25 6.07 -15.89
N LEU B 124 -3.37 5.02 -15.06
CA LEU B 124 -3.53 3.67 -15.59
C LEU B 124 -4.89 3.52 -16.27
N ASP B 125 -5.99 3.98 -15.66
CA ASP B 125 -7.29 4.02 -16.33
C ASP B 125 -7.27 4.85 -17.62
N PHE B 126 -6.62 6.00 -17.63
CA PHE B 126 -6.50 6.76 -18.85
C PHE B 126 -5.76 5.93 -19.90
N SER B 127 -4.67 5.27 -19.51
CA SER B 127 -3.89 4.49 -20.45
C SER B 127 -4.72 3.36 -21.05
N LYS B 128 -5.41 2.59 -20.17
CA LYS B 128 -6.15 1.39 -20.56
C LYS B 128 -7.24 1.76 -21.57
N LYS B 129 -7.92 2.85 -21.22
CA LYS B 129 -9.09 3.37 -21.90
C LYS B 129 -8.72 3.98 -23.26
N ASN B 130 -7.50 4.51 -23.43
CA ASN B 130 -7.13 5.16 -24.68
C ASN B 130 -6.15 4.31 -25.46
N ASN B 131 -6.12 3.01 -25.14
CA ASN B 131 -5.23 2.05 -25.76
C ASN B 131 -3.97 2.83 -26.09
N VAL B 132 -3.21 3.06 -25.02
CA VAL B 132 -1.87 3.59 -25.07
C VAL B 132 -0.98 2.38 -25.35
N GLU B 133 0.06 2.57 -26.17
CA GLU B 133 1.04 1.52 -26.40
C GLU B 133 1.58 1.11 -25.04
N LYS B 134 2.30 2.07 -24.43
CA LYS B 134 3.13 1.80 -23.27
C LYS B 134 2.95 2.90 -22.22
N ILE B 135 3.01 2.50 -20.95
CA ILE B 135 3.18 3.43 -19.86
C ILE B 135 4.39 3.05 -19.04
N ILE B 136 5.22 4.07 -18.77
CA ILE B 136 6.35 3.98 -17.86
C ILE B 136 6.08 4.68 -16.53
N PHE B 137 6.36 3.96 -15.43
CA PHE B 137 6.03 4.41 -14.09
C PHE B 137 7.34 4.62 -13.34
N LEU B 138 7.55 5.86 -12.87
CA LEU B 138 8.79 6.19 -12.17
C LEU B 138 8.65 5.83 -10.71
N SER B 139 9.43 4.83 -10.26
CA SER B 139 9.40 4.36 -8.90
C SER B 139 10.74 4.71 -8.24
N THR B 140 11.04 4.06 -7.12
CA THR B 140 12.10 4.53 -6.27
C THR B 140 12.90 3.34 -5.75
N MET B 141 14.17 3.57 -5.45
CA MET B 141 14.96 2.55 -4.81
C MET B 141 14.51 2.36 -3.36
N GLU B 142 13.67 3.27 -2.81
CA GLU B 142 13.07 3.05 -1.49
C GLU B 142 12.13 1.82 -1.45
N ILE B 143 11.74 1.31 -2.62
CA ILE B 143 10.96 0.08 -2.72
C ILE B 143 11.68 -1.07 -2.03
N TYR B 144 13.01 -1.01 -1.88
CA TYR B 144 13.75 -2.18 -1.45
C TYR B 144 13.72 -2.33 0.06
N GLY B 145 13.13 -1.33 0.75
CA GLY B 145 12.81 -1.40 2.16
C GLY B 145 14.00 -1.83 3.03
N ASP B 146 13.87 -3.02 3.63
CA ASP B 146 14.89 -3.47 4.58
CA ASP B 146 14.82 -3.63 4.56
C ASP B 146 16.09 -4.06 3.87
N VAL B 147 16.06 -4.17 2.54
CA VAL B 147 17.12 -4.85 1.81
C VAL B 147 18.40 -4.02 1.85
N ILE B 148 19.50 -4.69 2.18
CA ILE B 148 20.73 -4.02 2.56
C ILE B 148 21.83 -4.43 1.58
N GLY B 149 22.93 -3.67 1.51
CA GLY B 149 24.13 -4.15 0.83
C GLY B 149 24.06 -3.98 -0.69
N ASP B 150 24.90 -4.71 -1.43
CA ASP B 150 25.16 -4.32 -2.79
C ASP B 150 24.47 -5.30 -3.73
N ASN B 151 24.53 -5.01 -5.02
CA ASN B 151 23.99 -5.85 -6.07
C ASN B 151 22.49 -6.18 -5.98
N ILE B 152 21.66 -5.20 -5.68
CA ILE B 152 20.27 -5.50 -5.46
C ILE B 152 19.53 -5.58 -6.78
N VAL B 153 18.88 -6.72 -7.01
CA VAL B 153 18.22 -6.95 -8.30
C VAL B 153 16.74 -6.63 -8.21
N GLU B 154 16.10 -6.49 -9.35
CA GLU B 154 14.71 -6.04 -9.42
C GLU B 154 13.75 -7.02 -8.74
N ASP B 155 14.14 -8.30 -8.61
CA ASP B 155 13.33 -9.31 -7.94
C ASP B 155 13.50 -9.28 -6.43
N ASP B 156 14.49 -8.58 -5.88
CA ASP B 156 14.60 -8.48 -4.43
C ASP B 156 13.40 -7.68 -3.91
N ILE B 157 12.93 -8.10 -2.71
CA ILE B 157 11.71 -7.61 -2.11
C ILE B 157 12.01 -7.11 -0.70
N GLY B 158 11.58 -5.89 -0.37
CA GLY B 158 11.72 -5.32 0.96
C GLY B 158 10.45 -5.43 1.83
N LYS B 159 10.66 -5.43 3.16
CA LYS B 159 9.61 -5.34 4.16
C LYS B 159 9.41 -3.89 4.61
N PHE B 160 8.17 -3.54 5.00
CA PHE B 160 7.84 -2.22 5.52
C PHE B 160 7.01 -2.27 6.82
N SER B 161 7.41 -1.45 7.80
CA SER B 161 6.61 -1.26 9.00
C SER B 161 5.43 -0.33 8.75
N VAL B 162 4.25 -0.71 9.25
CA VAL B 162 3.09 0.15 9.11
C VAL B 162 3.10 1.25 10.16
N THR B 163 4.05 1.22 11.12
CA THR B 163 4.09 2.24 12.16
C THR B 163 5.19 3.28 11.93
N ASN B 164 5.93 3.19 10.83
CA ASN B 164 6.92 4.20 10.47
C ASN B 164 6.33 5.16 9.43
N ILE B 165 6.05 6.39 9.86
CA ILE B 165 5.34 7.38 9.05
C ILE B 165 6.11 7.71 7.77
N ARG B 166 7.44 7.61 7.84
CA ARG B 166 8.32 7.87 6.71
C ARG B 166 8.12 6.87 5.59
N ASN B 167 7.46 5.72 5.84
CA ASN B 167 7.15 4.72 4.81
C ASN B 167 5.99 5.15 3.90
N SER B 168 5.40 6.32 4.15
CA SER B 168 4.34 6.81 3.32
C SER B 168 4.81 6.71 1.87
N TYR B 169 6.02 7.24 1.53
CA TYR B 169 6.42 7.33 0.13
C TYR B 169 6.66 5.93 -0.45
N PRO B 170 7.51 5.05 0.13
CA PRO B 170 7.71 3.73 -0.44
C PRO B 170 6.48 2.84 -0.46
N LEU B 171 5.63 2.87 0.59
CA LEU B 171 4.39 2.07 0.55
C LEU B 171 3.47 2.54 -0.57
N ALA B 172 3.45 3.86 -0.81
CA ALA B 172 2.62 4.39 -1.87
C ALA B 172 3.17 3.98 -3.23
N LYS B 173 4.53 3.91 -3.35
CA LYS B 173 5.12 3.46 -4.59
C LYS B 173 4.92 1.96 -4.78
N GLN B 174 5.04 1.21 -3.70
CA GLN B 174 4.83 -0.22 -3.72
C GLN B 174 3.41 -0.57 -4.16
N ILE B 175 2.40 0.10 -3.63
CA ILE B 175 1.04 -0.23 -4.04
C ILE B 175 0.83 0.21 -5.50
N SER B 176 1.47 1.31 -5.91
CA SER B 176 1.40 1.78 -7.29
C SER B 176 2.06 0.78 -8.26
N GLU B 177 3.22 0.23 -7.89
CA GLU B 177 3.91 -0.77 -8.67
C GLU B 177 2.94 -1.93 -8.88
N PHE B 178 2.30 -2.36 -7.79
CA PHE B 178 1.36 -3.47 -7.83
C PHE B 178 0.25 -3.16 -8.83
N MET B 179 -0.27 -1.95 -8.79
CA MET B 179 -1.33 -1.53 -9.70
CA MET B 179 -1.34 -1.60 -9.70
C MET B 179 -0.82 -1.65 -11.14
N VAL B 180 0.42 -1.17 -11.38
CA VAL B 180 0.99 -1.11 -12.70
C VAL B 180 1.18 -2.52 -13.28
N HIS B 181 1.76 -3.45 -12.48
CA HIS B 181 1.86 -4.86 -12.88
C HIS B 181 0.47 -5.39 -13.20
N SER B 182 -0.52 -5.07 -12.37
CA SER B 182 -1.82 -5.69 -12.45
C SER B 182 -2.54 -5.24 -13.71
N TYR B 183 -2.31 -4.00 -14.15
CA TYR B 183 -2.91 -3.53 -15.39
C TYR B 183 -2.27 -4.21 -16.59
N SER B 184 -0.94 -4.45 -16.56
CA SER B 184 -0.32 -5.16 -17.66
C SER B 184 -0.79 -6.61 -17.67
N LYS B 185 -1.07 -7.20 -16.49
CA LYS B 185 -1.53 -8.58 -16.49
C LYS B 185 -3.01 -8.73 -16.83
N LYS B 186 -3.84 -7.69 -16.78
CA LYS B 186 -5.26 -7.93 -16.98
C LYS B 186 -5.75 -7.32 -18.27
N TYR B 187 -5.02 -6.34 -18.81
CA TYR B 187 -5.49 -5.62 -19.99
C TYR B 187 -4.49 -5.66 -21.14
N SER B 188 -3.34 -6.32 -20.99
CA SER B 188 -2.40 -6.41 -22.10
C SER B 188 -1.86 -5.03 -22.45
N LEU B 189 -1.90 -4.13 -21.47
CA LEU B 189 -1.27 -2.84 -21.58
C LEU B 189 0.19 -3.10 -21.27
N SER B 190 1.07 -2.64 -22.14
CA SER B 190 2.51 -2.70 -21.92
C SER B 190 2.89 -1.69 -20.82
N THR B 191 3.53 -2.18 -19.74
CA THR B 191 4.00 -1.32 -18.67
C THR B 191 5.47 -1.59 -18.35
N ALA B 192 6.15 -0.52 -17.91
CA ALA B 192 7.48 -0.59 -17.41
C ALA B 192 7.55 0.18 -16.09
N ILE B 193 8.29 -0.38 -15.13
CA ILE B 193 8.62 0.33 -13.91
C ILE B 193 10.13 0.60 -13.92
N VAL B 194 10.47 1.86 -13.66
CA VAL B 194 11.86 2.22 -13.50
C VAL B 194 12.06 2.64 -12.07
N ARG B 195 13.00 1.99 -11.36
CA ARG B 195 13.27 2.33 -9.97
C ARG B 195 14.49 3.23 -9.93
N LEU B 196 14.29 4.49 -9.55
CA LEU B 196 15.36 5.48 -9.67
C LEU B 196 16.09 5.63 -8.32
N THR B 197 17.36 6.04 -8.38
CA THR B 197 18.10 6.32 -7.16
C THR B 197 17.86 7.76 -6.72
N GLN B 198 18.75 8.68 -7.12
CA GLN B 198 18.58 10.09 -6.86
C GLN B 198 19.28 10.89 -7.97
N ALA B 199 18.48 11.71 -8.66
CA ALA B 199 18.98 12.56 -9.73
C ALA B 199 19.65 13.83 -9.20
N ILE B 200 20.76 14.20 -9.84
CA ILE B 200 21.44 15.46 -9.58
C ILE B 200 21.83 16.07 -10.93
N GLY B 201 22.27 17.32 -10.94
CA GLY B 201 22.64 17.94 -12.20
C GLY B 201 21.84 19.21 -12.50
N PRO B 202 22.20 19.90 -13.61
CA PRO B 202 21.77 21.26 -13.86
C PRO B 202 20.25 21.25 -14.04
N THR B 203 19.68 22.41 -13.68
CA THR B 203 18.26 22.75 -13.63
C THR B 203 17.56 22.31 -12.35
N ALA B 204 18.31 21.77 -11.36
CA ALA B 204 17.79 21.63 -10.01
C ALA B 204 17.58 23.03 -9.46
N GLN B 205 16.48 23.20 -8.70
CA GLN B 205 16.10 24.52 -8.19
C GLN B 205 16.41 24.64 -6.71
N ILE B 206 16.62 25.91 -6.33
CA ILE B 206 17.29 26.21 -5.09
C ILE B 206 16.39 25.92 -3.90
N ASN B 207 15.07 25.83 -4.11
CA ASN B 207 14.16 25.57 -3.01
C ASN B 207 13.88 24.08 -2.82
N ASP B 208 14.45 23.21 -3.67
CA ASP B 208 14.34 21.78 -3.45
C ASP B 208 14.97 21.41 -2.12
N ASN B 209 14.38 20.48 -1.36
CA ASN B 209 14.88 20.22 0.01
C ASN B 209 15.58 18.87 0.10
N ARG B 210 15.68 18.19 -1.04
CA ARG B 210 16.51 17.00 -1.06
C ARG B 210 17.98 17.39 -0.84
N VAL B 211 18.77 16.40 -0.44
CA VAL B 211 19.93 16.65 0.38
C VAL B 211 21.00 17.43 -0.38
N TYR B 212 21.19 17.10 -1.67
CA TYR B 212 22.15 17.79 -2.50
C TYR B 212 21.86 19.30 -2.46
N MET B 213 20.56 19.66 -2.53
CA MET B 213 20.23 21.07 -2.62
C MET B 213 20.23 21.69 -1.22
N ASP B 214 19.95 20.89 -0.19
CA ASP B 214 20.08 21.36 1.18
C ASP B 214 21.51 21.88 1.38
N PHE B 215 22.49 21.08 0.94
CA PHE B 215 23.89 21.45 1.05
C PHE B 215 24.20 22.68 0.21
N ILE B 216 23.75 22.70 -1.04
CA ILE B 216 24.15 23.80 -1.89
C ILE B 216 23.56 25.08 -1.34
N ARG B 217 22.25 25.04 -1.08
CA ARG B 217 21.57 26.21 -0.57
C ARG B 217 22.14 26.68 0.77
N SER B 218 22.47 25.79 1.71
CA SER B 218 23.09 26.21 2.95
C SER B 218 24.44 26.85 2.73
N ALA B 219 25.25 26.25 1.84
CA ALA B 219 26.54 26.81 1.47
C ALA B 219 26.37 28.28 1.06
N ILE B 220 25.39 28.55 0.19
CA ILE B 220 25.31 29.85 -0.48
C ILE B 220 24.76 30.89 0.49
N LYS B 221 23.69 30.54 1.22
CA LYS B 221 22.97 31.45 2.10
C LYS B 221 23.62 31.54 3.46
N LYS B 222 24.10 30.42 4.00
CA LYS B 222 24.61 30.42 5.36
C LYS B 222 26.12 30.39 5.43
N SER B 223 26.82 30.32 4.28
CA SER B 223 28.29 30.18 4.28
C SER B 223 28.77 28.99 5.10
N GLN B 224 27.94 27.94 5.14
CA GLN B 224 28.23 26.77 5.96
C GLN B 224 27.22 25.67 5.62
N ILE B 225 27.67 24.44 5.70
CA ILE B 225 26.80 23.28 5.56
C ILE B 225 26.76 22.56 6.89
N THR B 226 25.54 22.22 7.33
CA THR B 226 25.37 21.48 8.56
C THR B 226 24.80 20.08 8.30
N LEU B 227 25.45 19.04 8.82
CA LEU B 227 24.82 17.73 8.83
C LEU B 227 24.10 17.53 10.17
N PHE B 228 22.94 16.89 10.10
CA PHE B 228 22.12 16.54 11.23
C PHE B 228 22.33 15.08 11.61
N THR B 229 23.06 14.35 10.77
CA THR B 229 23.47 13.00 11.12
C THR B 229 24.95 12.93 10.88
N LYS B 230 25.56 11.81 11.23
CA LYS B 230 26.97 11.61 11.00
C LYS B 230 27.27 11.46 9.52
N GLY B 231 26.24 11.23 8.70
CA GLY B 231 26.38 11.24 7.26
C GLY B 231 27.15 10.06 6.70
N GLU B 232 27.19 8.92 7.41
CA GLU B 232 27.90 7.73 6.97
C GLU B 232 27.09 6.93 5.93
N THR B 233 25.79 7.20 5.79
CA THR B 233 24.91 6.61 4.79
C THR B 233 25.55 6.78 3.43
N LYS B 234 25.64 5.70 2.66
CA LYS B 234 26.13 5.82 1.31
C LYS B 234 24.97 5.59 0.35
N ARG B 235 24.94 6.45 -0.69
CA ARG B 235 23.94 6.33 -1.75
C ARG B 235 24.53 6.51 -3.17
N GLU B 236 23.70 6.12 -4.14
CA GLU B 236 23.97 6.19 -5.56
C GLU B 236 23.33 7.47 -6.08
N TYR B 237 24.04 8.15 -6.98
CA TYR B 237 23.50 9.34 -7.59
C TYR B 237 23.64 9.15 -9.10
N ILE B 238 22.88 9.95 -9.84
CA ILE B 238 22.88 9.83 -11.28
C ILE B 238 22.44 11.18 -11.83
N ASP B 239 23.15 11.62 -12.88
CA ASP B 239 22.83 12.87 -13.54
C ASP B 239 21.44 12.80 -14.15
N VAL B 240 20.65 13.88 -14.00
CA VAL B 240 19.26 13.92 -14.45
C VAL B 240 19.16 13.65 -15.95
N PHE B 241 20.16 14.05 -16.78
CA PHE B 241 20.15 13.75 -18.20
C PHE B 241 20.39 12.28 -18.50
N ASP B 242 21.21 11.61 -17.69
CA ASP B 242 21.39 10.16 -17.76
C ASP B 242 20.13 9.40 -17.33
N VAL B 243 19.40 9.89 -16.30
CA VAL B 243 18.11 9.31 -15.96
C VAL B 243 17.18 9.36 -17.15
N ALA B 244 17.13 10.53 -17.79
CA ALA B 244 16.21 10.75 -18.90
C ALA B 244 16.56 9.86 -20.11
N THR B 245 17.84 9.65 -20.40
CA THR B 245 18.20 8.77 -21.51
C THR B 245 17.89 7.32 -21.17
N ALA B 246 18.13 6.90 -19.93
CA ALA B 246 17.72 5.55 -19.54
C ALA B 246 16.22 5.36 -19.76
N ILE B 247 15.41 6.39 -19.44
CA ILE B 247 13.96 6.29 -19.59
C ILE B 247 13.64 6.17 -21.07
N ILE B 248 14.34 6.94 -21.90
CA ILE B 248 14.15 6.85 -23.34
C ILE B 248 14.52 5.47 -23.87
N PHE B 249 15.60 4.87 -23.40
CA PHE B 249 15.88 3.51 -23.85
C PHE B 249 14.75 2.55 -23.49
N VAL B 250 14.22 2.68 -22.28
CA VAL B 250 13.14 1.81 -21.87
C VAL B 250 11.90 2.07 -22.74
N MET B 251 11.67 3.34 -23.10
CA MET B 251 10.58 3.70 -23.99
C MET B 251 10.63 2.95 -25.30
N CYS B 252 11.83 2.64 -25.75
CA CYS B 252 12.04 2.02 -27.05
C CYS B 252 11.87 0.50 -26.97
N GLU B 253 11.98 -0.11 -25.78
CA GLU B 253 11.75 -1.55 -25.63
C GLU B 253 10.30 -1.89 -25.98
N LYS B 254 10.06 -3.07 -26.55
CA LYS B 254 8.70 -3.54 -26.77
C LYS B 254 8.58 -4.82 -25.95
N LYS B 255 7.94 -4.69 -24.78
CA LYS B 255 7.93 -5.70 -23.75
C LYS B 255 6.65 -5.50 -22.96
N MET B 256 6.00 -6.60 -22.61
CA MET B 256 4.68 -6.45 -22.03
C MET B 256 4.82 -5.86 -20.63
N PHE B 257 5.82 -6.33 -19.88
CA PHE B 257 6.05 -5.90 -18.51
C PHE B 257 7.53 -6.05 -18.13
N GLU B 258 8.09 -5.00 -17.52
CA GLU B 258 9.50 -5.03 -17.17
C GLU B 258 9.76 -4.02 -16.04
N ILE B 259 10.62 -4.39 -15.07
CA ILE B 259 11.12 -3.51 -14.02
C ILE B 259 12.61 -3.29 -14.24
N TYR B 260 13.07 -2.03 -14.26
CA TYR B 260 14.47 -1.70 -14.40
C TYR B 260 14.95 -0.81 -13.24
N ASN B 261 16.08 -1.21 -12.66
CA ASN B 261 16.85 -0.33 -11.82
C ASN B 261 17.53 0.69 -12.71
N ILE B 262 17.45 1.96 -12.32
CA ILE B 262 18.18 3.01 -13.03
CA ILE B 262 18.18 3.00 -13.03
C ILE B 262 19.11 3.71 -12.05
N SER B 263 20.41 3.48 -12.23
CA SER B 263 21.46 4.11 -11.44
C SER B 263 22.71 4.22 -12.27
N ASN B 264 23.63 5.03 -11.78
CA ASN B 264 24.98 5.10 -12.29
C ASN B 264 25.84 4.32 -11.33
N PRO B 265 26.30 3.10 -11.71
CA PRO B 265 27.08 2.26 -10.80
C PRO B 265 28.42 2.91 -10.47
N ASN B 266 28.82 3.90 -11.24
CA ASN B 266 30.09 4.58 -10.99
C ASN B 266 30.02 5.64 -9.90
N ILE B 267 28.83 5.98 -9.39
CA ILE B 267 28.70 7.05 -8.38
C ILE B 267 28.05 6.51 -7.12
N PHE B 268 28.89 6.31 -6.11
CA PHE B 268 28.46 5.83 -4.82
C PHE B 268 29.26 6.62 -3.78
N ILE B 269 28.58 7.37 -2.90
CA ILE B 269 29.22 8.38 -2.06
C ILE B 269 28.45 8.47 -0.75
N SER B 270 29.19 8.65 0.36
CA SER B 270 28.61 8.97 1.63
C SER B 270 28.06 10.40 1.63
N ILE B 271 27.05 10.59 2.45
CA ILE B 271 26.43 11.90 2.60
C ILE B 271 27.51 12.90 3.01
N TYR B 272 28.30 12.50 3.99
CA TYR B 272 29.38 13.34 4.44
C TYR B 272 30.33 13.74 3.29
N ASP B 273 30.75 12.74 2.50
CA ASP B 273 31.72 13.00 1.47
C ASP B 273 31.06 13.87 0.38
N LEU B 274 29.77 13.67 0.19
CA LEU B 274 29.04 14.57 -0.72
C LEU B 274 29.08 15.97 -0.16
N ALA B 275 28.84 16.09 1.15
CA ALA B 275 28.85 17.42 1.73
C ALA B 275 30.21 18.08 1.55
N LYS B 276 31.29 17.36 1.82
CA LYS B 276 32.61 17.98 1.76
C LYS B 276 32.93 18.38 0.33
N THR B 277 32.51 17.57 -0.66
CA THR B 277 32.92 17.87 -2.02
C THR B 277 32.17 19.10 -2.51
N ILE B 278 30.90 19.22 -2.09
CA ILE B 278 30.11 20.39 -2.41
C ILE B 278 30.71 21.61 -1.72
N SER B 279 31.17 21.42 -0.49
CA SER B 279 31.67 22.52 0.32
C SER B 279 32.98 23.01 -0.28
N ALA B 280 33.77 22.09 -0.84
CA ALA B 280 34.94 22.47 -1.61
C ALA B 280 34.58 23.37 -2.78
N LYS B 281 33.48 23.05 -3.48
CA LYS B 281 33.11 23.80 -4.67
C LYS B 281 32.55 25.18 -4.31
N LEU B 282 32.03 25.38 -3.09
CA LEU B 282 31.44 26.67 -2.73
C LEU B 282 32.22 27.36 -1.61
N ASN B 283 33.43 26.90 -1.33
CA ASN B 283 34.31 27.61 -0.43
C ASN B 283 33.68 27.77 0.97
N VAL B 284 33.09 26.69 1.50
CA VAL B 284 32.56 26.73 2.85
C VAL B 284 33.06 25.49 3.60
N GLN B 285 32.67 25.42 4.87
CA GLN B 285 33.02 24.30 5.71
C GLN B 285 31.77 23.45 5.93
N VAL B 286 31.99 22.20 6.30
CA VAL B 286 30.96 21.31 6.77
C VAL B 286 31.04 21.18 8.30
N VAL B 287 29.89 21.38 8.97
CA VAL B 287 29.76 21.18 10.40
C VAL B 287 28.62 20.22 10.73
N PHE B 288 28.60 19.77 11.99
CA PHE B 288 27.60 18.86 12.48
C PHE B 288 26.78 19.53 13.57
N ASP B 289 25.48 19.19 13.62
CA ASP B 289 24.57 19.48 14.72
C ASP B 289 23.70 18.24 14.98
N LEU B 290 24.21 17.30 15.80
CA LEU B 290 23.51 16.06 16.11
C LEU B 290 22.59 16.24 17.34
N GLN B 291 21.57 15.39 17.51
CA GLN B 291 20.74 15.38 18.74
C GLN B 291 19.50 14.49 18.57
N TYR B 297 14.33 11.13 8.53
CA TYR B 297 15.31 10.49 7.60
C TYR B 297 15.15 8.97 7.63
N LEU B 298 15.90 8.28 6.74
CA LEU B 298 15.92 6.83 6.63
C LEU B 298 16.96 6.24 7.61
N PRO B 299 16.90 4.91 7.91
CA PRO B 299 17.47 4.37 9.15
C PRO B 299 18.99 4.39 9.25
N SER B 300 19.66 4.65 8.12
CA SER B 300 21.12 4.64 8.03
C SER B 300 21.60 3.30 7.47
N PHE B 301 21.01 2.89 6.33
CA PHE B 301 21.38 1.66 5.64
C PHE B 301 22.58 1.93 4.74
N SER B 302 22.83 1.01 3.81
CA SER B 302 23.69 1.31 2.67
C SER B 302 23.36 0.35 1.51
N ARG B 303 23.21 0.89 0.31
CA ARG B 303 22.64 0.07 -0.76
C ARG B 303 23.05 0.54 -2.16
N ARG B 304 23.35 -0.47 -2.99
CA ARG B 304 23.66 -0.31 -4.40
C ARG B 304 22.78 -1.24 -5.22
N LEU B 305 22.27 -0.69 -6.32
CA LEU B 305 21.41 -1.38 -7.27
C LEU B 305 22.25 -2.01 -8.38
N ASN B 306 21.84 -3.22 -8.80
CA ASN B 306 22.26 -3.85 -10.04
C ASN B 306 21.61 -3.19 -11.24
N SER B 307 22.40 -2.55 -12.09
CA SER B 307 21.80 -1.82 -13.19
C SER B 307 22.08 -2.53 -14.53
N LYS B 308 22.20 -3.86 -14.52
CA LYS B 308 22.65 -4.56 -15.70
C LYS B 308 21.59 -4.54 -16.81
N LYS B 309 20.30 -4.52 -16.45
CA LYS B 309 19.28 -4.60 -17.50
C LYS B 309 19.32 -3.41 -18.42
N ILE B 310 19.46 -2.21 -17.85
CA ILE B 310 19.42 -1.01 -18.68
C ILE B 310 20.70 -0.96 -19.53
N TYR B 311 21.84 -1.34 -18.95
CA TYR B 311 23.09 -1.48 -19.67
C TYR B 311 22.88 -2.39 -20.87
N GLN B 312 22.09 -3.45 -20.64
CA GLN B 312 21.85 -4.47 -21.65
C GLN B 312 21.13 -3.86 -22.86
N LEU B 313 20.32 -2.83 -22.65
CA LEU B 313 19.66 -2.15 -23.76
C LEU B 313 20.64 -1.30 -24.60
N GLY B 314 21.88 -1.06 -24.11
CA GLY B 314 22.81 -0.22 -24.84
C GLY B 314 22.99 1.17 -24.20
N TRP B 315 22.43 1.38 -23.02
CA TRP B 315 22.50 2.65 -22.34
C TRP B 315 23.80 2.69 -21.57
N THR B 316 24.42 3.86 -21.56
CA THR B 316 25.46 4.18 -20.60
C THR B 316 25.20 5.57 -20.05
N PRO B 317 25.65 5.85 -18.81
CA PRO B 317 25.62 7.21 -18.29
C PRO B 317 26.80 8.00 -18.81
N LEU B 318 26.52 9.25 -19.15
CA LEU B 318 27.50 10.12 -19.78
C LEU B 318 28.15 11.05 -18.78
N PHE B 319 27.52 11.33 -17.64
CA PHE B 319 28.03 12.42 -16.83
C PHE B 319 28.60 11.95 -15.48
N ASP B 320 29.82 12.38 -15.13
CA ASP B 320 30.41 12.05 -13.84
C ASP B 320 29.88 13.00 -12.74
N LEU B 321 30.22 12.68 -11.50
CA LEU B 321 29.75 13.47 -10.36
C LEU B 321 30.21 14.93 -10.39
N ASN B 322 31.47 15.20 -10.77
CA ASN B 322 31.94 16.57 -10.82
C ASN B 322 31.17 17.38 -11.87
N GLN B 323 30.94 16.82 -13.04
CA GLN B 323 30.22 17.52 -14.07
C GLN B 323 28.81 17.82 -13.58
N SER B 324 28.16 16.79 -13.00
CA SER B 324 26.80 16.96 -12.50
CA SER B 324 26.80 16.96 -12.48
C SER B 324 26.77 18.06 -11.43
N LEU B 325 27.62 17.96 -10.42
CA LEU B 325 27.61 19.00 -9.39
C LEU B 325 28.01 20.38 -9.88
N ASP B 326 29.06 20.46 -10.72
CA ASP B 326 29.53 21.72 -11.25
C ASP B 326 28.43 22.41 -12.08
N ASP B 327 27.82 21.67 -12.98
CA ASP B 327 26.74 22.18 -13.82
C ASP B 327 25.56 22.59 -12.93
N MET B 328 25.22 21.77 -11.93
CA MET B 328 24.12 22.04 -11.03
C MET B 328 24.34 23.39 -10.30
N ILE B 329 25.54 23.60 -9.79
CA ILE B 329 25.91 24.77 -9.00
C ILE B 329 25.92 25.99 -9.90
N LYS B 330 26.55 25.88 -11.07
CA LYS B 330 26.63 27.01 -11.98
C LYS B 330 25.22 27.41 -12.43
N TYR B 331 24.35 26.45 -12.66
CA TYR B 331 23.03 26.78 -13.12
C TYR B 331 22.35 27.59 -12.02
N ILE B 332 22.53 27.18 -10.76
CA ILE B 332 21.88 27.82 -9.62
C ILE B 332 22.42 29.23 -9.36
N LYS B 333 23.73 29.44 -9.44
CA LYS B 333 24.34 30.76 -9.37
C LYS B 333 23.76 31.70 -10.45
N GLU B 334 23.51 31.20 -11.67
CA GLU B 334 23.06 32.03 -12.78
C GLU B 334 21.63 32.54 -12.54
N VAL B 335 20.72 31.62 -12.15
CA VAL B 335 19.36 31.95 -11.75
C VAL B 335 19.35 33.00 -10.63
N ASN B 336 19.72 32.62 -9.38
CA ASN B 336 19.66 33.51 -8.22
C ASN B 336 21.08 33.92 -7.79
PA NAP C . -17.81 -11.18 5.15
O1A NAP C . -18.76 -12.09 5.82
O2A NAP C . -17.33 -11.49 3.77
O5B NAP C . -18.55 -9.75 5.07
C5B NAP C . -17.79 -8.60 4.69
C4B NAP C . -18.70 -7.39 4.69
O4B NAP C . -18.12 -6.42 3.80
C3B NAP C . -20.14 -7.59 4.24
O3B NAP C . -21.02 -6.72 4.94
C2B NAP C . -20.08 -7.20 2.76
O2B NAP C . -21.28 -6.60 2.30
C1B NAP C . -19.05 -6.09 2.80
N9A NAP C . -18.39 -5.90 1.52
C8A NAP C . -18.01 -6.86 0.63
N7A NAP C . -17.56 -6.37 -0.50
C5A NAP C . -17.74 -4.99 -0.37
C6A NAP C . -17.48 -3.91 -1.23
N6A NAP C . -17.00 -4.05 -2.47
N1A NAP C . -17.75 -2.66 -0.77
C2A NAP C . -18.24 -2.54 0.47
N3A NAP C . -18.56 -3.48 1.34
C4A NAP C . -18.25 -4.70 0.87
O3 NAP C . -16.49 -10.99 6.04
PN NAP C . -16.13 -11.17 7.62
O1N NAP C . -15.60 -12.54 7.94
O2N NAP C . -17.32 -10.65 8.36
O5D NAP C . -14.89 -10.15 7.74
C5D NAP C . -15.09 -8.78 8.26
C4D NAP C . -13.81 -7.97 8.11
O4D NAP C . -12.71 -8.64 8.78
C3D NAP C . -13.31 -7.74 6.68
O3D NAP C . -12.68 -6.46 6.59
C2D NAP C . -12.35 -8.91 6.45
O2D NAP C . -11.32 -8.67 5.49
C1D NAP C . -11.72 -9.00 7.84
N1N NAP C . -11.21 -10.34 8.17
C2N NAP C . -12.08 -11.40 8.40
C3N NAP C . -11.55 -12.65 8.76
C7N NAP C . -12.38 -13.87 9.07
O7N NAP C . -11.85 -14.75 9.77
N7N NAP C . -13.62 -14.01 8.58
C4N NAP C . -10.17 -12.85 8.75
C5N NAP C . -9.32 -11.78 8.46
C6N NAP C . -9.86 -10.55 8.18
P2B NAP C . -21.98 -7.19 1.00
O1X NAP C . -22.70 -8.39 1.49
O2X NAP C . -22.95 -6.14 0.49
O3X NAP C . -20.83 -7.52 0.02
O3B CDP D . -5.87 -22.09 -1.21
PB CDP D . -5.61 -23.15 -0.18
O1B CDP D . -4.49 -22.78 0.78
O2B CDP D . -5.45 -24.52 -0.78
O3A CDP D . -6.89 -23.16 0.78
PA CDP D . -8.01 -24.17 1.30
O1A CDP D . -8.57 -23.45 2.48
O2A CDP D . -8.95 -24.54 0.20
O5' CDP D . -7.24 -25.50 1.78
C5' CDP D . -6.07 -25.47 2.63
C4' CDP D . -5.26 -26.70 2.31
O4' CDP D . -6.05 -27.88 2.64
C3' CDP D . -4.90 -26.92 0.83
O3' CDP D . -3.75 -26.18 0.46
C2' CDP D . -4.62 -28.42 0.80
O2' CDP D . -3.35 -28.77 1.29
C1' CDP D . -5.68 -28.93 1.78
N1 CDP D . -6.91 -29.41 1.13
C2 CDP D . -6.93 -30.76 0.76
O2 CDP D . -5.92 -31.45 0.97
N3 CDP D . -8.05 -31.26 0.19
C4 CDP D . -9.13 -30.47 0.02
N4 CDP D . -10.22 -31.01 -0.54
C5 CDP D . -9.13 -29.10 0.41
C6 CDP D . -8.01 -28.61 0.98
CL CL E . -28.89 5.75 3.59
C1 EDO F . -17.06 2.17 4.73
O1 EDO F . -16.73 0.85 4.30
C2 EDO F . -16.15 3.24 4.27
O2 EDO F . -16.66 3.84 3.09
C1 EDO G . -17.14 -43.53 11.15
C1 EDO G . -16.79 -45.04 12.18
O1 EDO G . -17.40 -44.52 12.17
O1 EDO G . -17.81 -45.95 12.32
C2 EDO G . -17.49 -42.09 11.45
C2 EDO G . -17.26 -43.86 11.43
O2 EDO G . -18.27 -41.40 10.47
O2 EDO G . -16.27 -42.89 11.14
PA NAP H . 9.88 16.92 -8.65
O1A NAP H . 10.94 17.66 -9.32
O2A NAP H . 9.58 17.03 -7.21
O5B NAP H . 8.58 17.03 -9.53
C5B NAP H . 7.37 16.47 -9.06
C4B NAP H . 6.30 16.63 -10.12
O4B NAP H . 5.11 16.09 -9.50
C3B NAP H . 5.97 18.07 -10.50
O3B NAP H . 5.45 18.21 -11.82
C2B NAP H . 4.91 18.42 -9.45
O2B NAP H . 4.05 19.47 -9.88
C1B NAP H . 4.15 17.10 -9.42
N9A NAP H . 3.37 16.96 -8.20
C8A NAP H . 3.77 17.13 -6.89
N7A NAP H . 2.79 17.03 -6.03
C5A NAP H . 1.68 16.81 -6.82
C6A NAP H . 0.33 16.62 -6.50
N6A NAP H . -0.09 16.61 -5.25
N1A NAP H . -0.53 16.40 -7.51
C2A NAP H . -0.07 16.43 -8.76
N3A NAP H . 1.20 16.60 -9.18
C4A NAP H . 2.02 16.76 -8.15
O3 NAP H . 10.16 15.36 -8.87
PN NAP H . 11.17 14.59 -9.88
O1N NAP H . 12.47 14.55 -9.12
O2N NAP H . 11.07 15.08 -11.29
O5D NAP H . 10.52 13.15 -9.76
C5D NAP H . 9.65 12.68 -10.80
C4D NAP H . 9.17 11.29 -10.43
O4D NAP H . 10.34 10.45 -10.17
C3D NAP H . 8.29 11.14 -9.19
O3D NAP H . 7.24 10.19 -9.34
C2D NAP H . 9.30 10.70 -8.13
O2D NAP H . 8.75 10.03 -7.01
C1D NAP H . 10.20 9.78 -8.96
N1N NAP H . 11.57 9.61 -8.41
C2N NAP H . 12.48 10.64 -8.50
C3N NAP H . 13.75 10.50 -7.99
C7N NAP H . 14.82 11.53 -8.11
O7N NAP H . 15.97 11.23 -7.75
N7N NAP H . 14.52 12.77 -8.49
C4N NAP H . 14.07 9.34 -7.28
C5N NAP H . 13.14 8.34 -7.12
C6N NAP H . 11.89 8.49 -7.69
P2B NAP H . 3.73 20.73 -8.92
O1X NAP H . 4.64 21.86 -9.25
O2X NAP H . 2.36 20.89 -9.43
O3X NAP H . 3.77 20.33 -7.48
O3B CDP I . 16.32 9.51 2.36
PB CDP I . 16.11 10.61 3.33
O1B CDP I . 16.62 10.22 4.71
O2B CDP I . 14.73 11.20 3.33
O3A CDP I . 17.15 11.63 2.70
PA CDP I . 17.59 13.11 2.35
O1A CDP I . 17.70 13.22 0.88
O2A CDP I . 16.77 14.11 3.14
O5' CDP I . 19.07 13.02 2.98
C5' CDP I . 19.86 11.80 2.96
C4' CDP I . 20.51 11.57 4.30
O4' CDP I . 21.49 12.61 4.59
C3' CDP I . 19.60 11.58 5.53
O3' CDP I . 19.04 10.28 5.74
C2' CDP I . 20.59 11.90 6.67
O2' CDP I . 21.31 10.73 7.02
C1' CDP I . 21.55 12.86 5.97
N1 CDP I . 21.36 14.33 6.14
C2 CDP I . 22.10 14.99 7.12
O2 CDP I . 22.81 14.31 7.91
N3 CDP I . 22.01 16.35 7.22
C4 CDP I . 21.28 17.05 6.33
N4 CDP I . 21.25 18.38 6.44
C5 CDP I . 20.54 16.39 5.32
C6 CDP I . 20.67 15.07 5.21
CL CL J . -1.68 13.80 5.80
#